data_1KT8
#
_entry.id   1KT8
#
_cell.length_a   69.475
_cell.length_b   105.457
_cell.length_c   107.429
_cell.angle_alpha   90.00
_cell.angle_beta   90.00
_cell.angle_gamma   90.00
#
_symmetry.space_group_name_H-M   'P 21 21 21'
#
loop_
_entity.id
_entity.type
_entity.pdbx_description
1 polymer 'BRANCHED-CHAIN AMINO ACID AMINOTRANSFERASE, MITOCHONDRIAL'
2 non-polymer N-[O-PHOSPHONO-PYRIDOXYL]-ISOLEUCINE
3 non-polymer 'ACETIC ACID'
4 non-polymer GLYCEROL
5 water water
#
_entity_poly.entity_id   1
_entity_poly.type   'polypeptide(L)'
_entity_poly.pdbx_seq_one_letter_code
;ASSSFKAADLQLEMTQKPHKKPGPGEPLVFGKTFTDHMLMVEWNDKGWGQPRIQPFQNLTLHPASSSLHYSLQLFEGMKA
FKGKDQQVRLFRPWLNMDRMLRSAMRLCLPSFDKLELLECIRRLIEVDKDWVPDAAGTSLYVRPVLIGNEPSLGVSQPRR
ALLFVILCPVGAYFPGGSVTPVSLLADPAFIRAWVGGVGNYKLGGNYGPTVLVQQEALKRGCEQVLWLYGPDHQLTEVGT
MNIFVYWTHEDGVLELVTPPLNGVILPGVVRQSLLDMAQTWGEFRVVERTITMKQLLRALEEGRVREVFGSGTACQVCPV
HRILYKDRNLHIPTMENGPELILRFQKELKEIQYGIRAHEWMFPV
;
_entity_poly.pdbx_strand_id   A,B
#
loop_
_chem_comp.id
_chem_comp.type
_chem_comp.name
_chem_comp.formula
ACY non-polymer 'ACETIC ACID' 'C2 H4 O2'
GOL non-polymer GLYCEROL 'C3 H8 O3'
ILP non-polymer N-[O-PHOSPHONO-PYRIDOXYL]-ISOLEUCINE 'C14 H23 N2 O7 P'
#
# COMPACT_ATOMS: atom_id res chain seq x y z
N ALA A 1 22.37 23.84 0.88
CA ALA A 1 21.65 23.62 2.16
C ALA A 1 21.68 22.14 2.59
N SER A 2 21.76 21.92 3.91
CA SER A 2 21.86 20.59 4.52
C SER A 2 20.90 19.51 3.99
N SER A 3 19.63 19.67 4.34
CA SER A 3 18.57 18.74 4.00
C SER A 3 18.20 18.44 2.54
N SER A 4 19.14 18.56 1.60
CA SER A 4 18.87 18.18 0.20
C SER A 4 20.07 17.98 -0.68
N PHE A 5 19.92 17.05 -1.62
CA PHE A 5 20.96 16.77 -2.58
C PHE A 5 20.91 17.98 -3.52
N LYS A 6 22.03 18.25 -4.18
CA LYS A 6 22.15 19.40 -5.08
C LYS A 6 22.48 19.05 -6.54
N ALA A 7 21.83 19.77 -7.48
CA ALA A 7 22.06 19.55 -8.91
C ALA A 7 23.54 19.79 -9.26
N ALA A 8 24.11 20.78 -8.58
CA ALA A 8 25.54 21.13 -8.79
C ALA A 8 26.46 19.95 -8.45
N ASP A 9 25.98 19.02 -7.62
CA ASP A 9 26.78 17.86 -7.23
C ASP A 9 26.63 16.65 -8.13
N LEU A 10 25.78 16.79 -9.14
CA LEU A 10 25.50 15.72 -10.11
C LEU A 10 26.70 14.96 -10.60
N GLN A 11 26.69 13.64 -10.49
CA GLN A 11 27.79 12.84 -11.01
C GLN A 11 27.14 12.23 -12.21
N LEU A 12 27.89 11.97 -13.28
CA LEU A 12 27.23 11.37 -14.43
C LEU A 12 28.03 10.31 -15.16
N GLU A 13 27.32 9.22 -15.44
CA GLU A 13 27.91 8.10 -16.10
C GLU A 13 27.15 7.73 -17.33
N MET A 14 27.72 8.06 -18.49
CA MET A 14 27.09 7.78 -19.76
C MET A 14 27.00 6.29 -20.01
N THR A 15 25.98 5.88 -20.74
CA THR A 15 25.82 4.47 -21.04
C THR A 15 26.81 3.95 -22.07
N GLN A 16 27.26 2.73 -21.86
CA GLN A 16 28.20 2.05 -22.75
C GLN A 16 27.50 0.91 -23.48
N LYS A 17 26.16 0.96 -23.52
CA LYS A 17 25.34 -0.06 -24.18
C LYS A 17 23.93 0.48 -24.50
N PRO A 18 23.86 1.59 -25.27
CA PRO A 18 22.57 2.18 -25.63
C PRO A 18 21.53 1.14 -26.03
N HIS A 19 20.26 1.52 -25.94
CA HIS A 19 19.16 0.64 -26.30
C HIS A 19 18.81 1.08 -27.73
N LYS A 20 18.06 0.28 -28.46
CA LYS A 20 17.65 0.73 -29.79
C LYS A 20 16.39 1.59 -29.57
N LYS A 21 16.34 2.81 -30.11
CA LYS A 21 15.18 3.69 -29.95
C LYS A 21 14.01 3.02 -30.66
N PRO A 22 12.76 3.26 -30.21
CA PRO A 22 11.64 2.60 -30.87
C PRO A 22 11.67 2.73 -32.39
N GLY A 23 11.84 1.58 -33.03
CA GLY A 23 11.92 1.51 -34.48
C GLY A 23 10.77 2.15 -35.24
N PRO A 24 10.75 1.98 -36.58
CA PRO A 24 9.77 2.50 -37.53
C PRO A 24 8.33 2.09 -37.21
N GLY A 25 8.09 0.77 -37.21
CA GLY A 25 6.77 0.20 -36.93
C GLY A 25 5.93 1.10 -36.06
N GLU A 26 6.62 1.74 -35.11
CA GLU A 26 6.04 2.72 -34.16
C GLU A 26 5.00 2.19 -33.16
N PRO A 27 5.24 1.02 -32.56
CA PRO A 27 4.18 0.63 -31.61
C PRO A 27 4.54 1.08 -30.17
N LEU A 28 4.19 2.32 -29.81
CA LEU A 28 4.51 2.85 -28.46
C LEU A 28 3.50 2.54 -27.33
N VAL A 29 3.69 1.40 -26.66
CA VAL A 29 2.84 0.96 -25.54
C VAL A 29 3.32 1.66 -24.27
N PHE A 30 2.38 2.23 -23.51
CA PHE A 30 2.72 2.96 -22.28
C PHE A 30 3.55 2.18 -21.24
N GLY A 31 4.59 2.83 -20.72
CA GLY A 31 5.43 2.27 -19.68
C GLY A 31 6.07 0.92 -19.92
N LYS A 32 6.28 0.60 -21.19
CA LYS A 32 6.88 -0.66 -21.57
C LYS A 32 8.32 -0.50 -22.07
N THR A 33 8.62 0.71 -22.55
CA THR A 33 9.90 1.10 -23.15
C THR A 33 10.64 2.17 -22.34
N PHE A 34 11.90 1.92 -22.00
CA PHE A 34 12.65 2.85 -21.21
C PHE A 34 13.82 3.46 -21.96
N THR A 35 14.20 4.66 -21.58
CA THR A 35 15.31 5.34 -22.24
C THR A 35 16.61 4.85 -21.60
N ASP A 36 17.75 5.29 -22.15
CA ASP A 36 19.10 4.89 -21.72
C ASP A 36 19.60 5.21 -20.32
N HIS A 37 19.18 6.33 -19.73
CA HIS A 37 19.65 6.71 -18.39
C HIS A 37 18.52 6.88 -17.33
N MET A 38 18.95 7.01 -16.06
CA MET A 38 18.04 7.20 -14.93
C MET A 38 18.75 8.05 -13.92
N LEU A 39 18.00 8.61 -12.97
CA LEU A 39 18.51 9.42 -11.91
C LEU A 39 18.40 8.54 -10.66
N MET A 40 19.35 8.71 -9.74
CA MET A 40 19.41 7.94 -8.51
C MET A 40 20.06 8.77 -7.43
N VAL A 41 19.41 8.87 -6.28
CA VAL A 41 19.91 9.61 -5.14
C VAL A 41 19.61 8.78 -3.88
N GLU A 42 20.63 8.60 -3.03
CA GLU A 42 20.42 7.84 -1.80
C GLU A 42 20.41 8.69 -0.56
N TRP A 43 19.63 8.26 0.44
CA TRP A 43 19.56 8.96 1.70
C TRP A 43 19.78 7.98 2.88
N ASN A 44 20.40 8.47 3.95
CA ASN A 44 20.63 7.69 5.15
C ASN A 44 20.99 8.60 6.33
N ASP A 45 21.64 8.01 7.34
CA ASP A 45 22.08 8.74 8.52
C ASP A 45 22.88 10.00 8.11
N LYS A 46 23.85 9.83 7.21
CA LYS A 46 24.66 10.96 6.75
C LYS A 46 23.81 11.93 5.89
N GLY A 47 22.55 11.57 5.63
CA GLY A 47 21.67 12.42 4.84
C GLY A 47 21.70 12.09 3.35
N TRP A 48 21.36 13.07 2.51
CA TRP A 48 21.35 12.83 1.07
C TRP A 48 22.73 12.70 0.46
N GLY A 49 22.93 11.66 -0.35
CA GLY A 49 24.17 11.48 -1.07
C GLY A 49 24.11 12.36 -2.33
N GLN A 50 25.08 12.22 -3.23
CA GLN A 50 25.05 13.03 -4.43
C GLN A 50 24.17 12.44 -5.54
N PRO A 51 23.46 13.32 -6.29
CA PRO A 51 22.60 12.84 -7.37
C PRO A 51 23.50 12.19 -8.40
N ARG A 52 22.94 11.24 -9.12
CA ARG A 52 23.68 10.55 -10.15
C ARG A 52 22.82 10.21 -11.36
N ILE A 53 23.30 10.52 -12.54
CA ILE A 53 22.60 10.13 -13.76
C ILE A 53 23.46 8.97 -14.23
N GLN A 54 22.87 7.77 -14.27
CA GLN A 54 23.57 6.55 -14.63
C GLN A 54 22.83 5.74 -15.66
N PRO A 55 23.49 4.76 -16.26
CA PRO A 55 22.83 3.95 -17.28
C PRO A 55 21.60 3.30 -16.64
N PHE A 56 20.59 3.01 -17.45
CA PHE A 56 19.40 2.41 -16.91
C PHE A 56 19.89 1.05 -16.37
N GLN A 57 19.56 0.74 -15.11
CA GLN A 57 20.01 -0.54 -14.55
C GLN A 57 19.14 -1.00 -13.37
N ASN A 58 19.20 -2.28 -13.05
CA ASN A 58 18.43 -2.85 -11.96
C ASN A 58 18.76 -2.26 -10.63
N LEU A 59 17.82 -2.39 -9.70
CA LEU A 59 18.01 -1.93 -8.35
C LEU A 59 18.48 -3.12 -7.52
N THR A 60 19.26 -2.84 -6.49
CA THR A 60 19.79 -3.89 -5.60
C THR A 60 19.24 -3.56 -4.23
N LEU A 61 18.33 -4.40 -3.77
CA LEU A 61 17.67 -4.16 -2.50
C LEU A 61 17.79 -5.27 -1.49
N HIS A 62 17.99 -4.89 -0.23
CA HIS A 62 18.05 -5.85 0.88
C HIS A 62 16.66 -6.51 0.96
N PRO A 63 16.60 -7.85 1.17
CA PRO A 63 15.35 -8.63 1.28
C PRO A 63 14.33 -8.08 2.30
N ALA A 64 14.80 -7.35 3.30
CA ALA A 64 13.88 -6.80 4.27
C ALA A 64 13.50 -5.34 4.00
N SER A 65 13.95 -4.79 2.87
CA SER A 65 13.66 -3.39 2.52
C SER A 65 12.19 -3.00 2.80
N SER A 66 11.97 -1.99 3.65
CA SER A 66 10.61 -1.55 3.95
C SER A 66 9.77 -1.21 2.73
N SER A 67 10.42 -0.93 1.59
CA SER A 67 9.68 -0.62 0.37
C SER A 67 8.86 -1.82 -0.08
N LEU A 68 9.33 -3.02 0.26
CA LEU A 68 8.66 -4.24 -0.17
C LEU A 68 7.77 -4.92 0.87
N HIS A 69 7.96 -4.58 2.13
CA HIS A 69 7.17 -5.18 3.20
C HIS A 69 6.04 -4.28 3.66
N TYR A 70 6.32 -2.99 3.75
CA TYR A 70 5.27 -2.09 4.24
C TYR A 70 4.89 -0.92 3.34
N SER A 71 5.04 -1.14 2.04
CA SER A 71 4.71 -0.19 1.01
C SER A 71 5.20 1.22 1.30
N LEU A 72 6.45 1.37 1.72
CA LEU A 72 6.97 2.72 1.95
C LEU A 72 7.47 3.11 0.57
N GLN A 73 6.51 3.53 -0.26
CA GLN A 73 6.80 3.89 -1.64
C GLN A 73 5.74 4.89 -2.19
N LEU A 74 6.21 5.81 -3.04
CA LEU A 74 5.36 6.81 -3.67
C LEU A 74 5.97 7.12 -5.03
N PHE A 75 5.20 7.75 -5.90
CA PHE A 75 5.73 8.03 -7.22
C PHE A 75 5.03 9.23 -7.80
N GLU A 76 5.53 9.64 -8.95
CA GLU A 76 4.93 10.75 -9.68
C GLU A 76 4.85 10.40 -11.15
N GLY A 77 4.16 11.27 -11.88
CA GLY A 77 3.96 11.05 -13.30
C GLY A 77 3.70 12.38 -13.97
N MET A 78 4.59 12.72 -14.86
CA MET A 78 4.46 13.97 -15.59
C MET A 78 5.05 13.81 -16.99
N LYS A 79 4.84 14.82 -17.82
CA LYS A 79 5.26 14.72 -19.20
C LYS A 79 6.11 15.85 -19.78
N ALA A 80 7.03 15.47 -20.68
CA ALA A 80 7.88 16.43 -21.39
C ALA A 80 7.41 16.35 -22.84
N PHE A 81 7.24 17.52 -23.45
CA PHE A 81 6.75 17.59 -24.83
C PHE A 81 7.76 18.32 -25.69
N LYS A 82 7.98 17.82 -26.90
CA LYS A 82 8.92 18.43 -27.84
C LYS A 82 8.11 19.15 -28.94
N GLY A 83 8.22 20.48 -29.02
CA GLY A 83 7.48 21.24 -30.04
C GLY A 83 8.15 21.34 -31.43
N LYS A 84 7.48 22.00 -32.38
CA LYS A 84 7.98 22.18 -33.78
C LYS A 84 9.49 22.49 -33.86
N ASP A 85 9.92 23.49 -33.08
CA ASP A 85 11.31 23.93 -33.00
C ASP A 85 12.31 22.84 -32.63
N GLN A 86 11.81 21.89 -31.83
CA GLN A 86 12.54 20.74 -31.29
C GLN A 86 12.96 21.01 -29.83
N GLN A 87 12.37 22.05 -29.24
CA GLN A 87 12.62 22.40 -27.84
C GLN A 87 11.72 21.50 -26.98
N VAL A 88 12.26 21.02 -25.87
CA VAL A 88 11.52 20.15 -24.97
C VAL A 88 11.05 20.95 -23.76
N ARG A 89 9.79 20.72 -23.38
CA ARG A 89 9.21 21.44 -22.24
C ARG A 89 8.39 20.53 -21.34
N LEU A 90 8.50 20.75 -20.05
CA LEU A 90 7.79 20.03 -19.02
C LEU A 90 6.51 20.83 -18.66
N PHE A 91 5.37 20.14 -18.57
CA PHE A 91 4.11 20.77 -18.20
C PHE A 91 3.93 20.87 -16.67
N ARG A 92 3.88 22.10 -16.14
CA ARG A 92 3.67 22.41 -14.70
C ARG A 92 4.35 21.43 -13.74
N PRO A 93 5.63 21.14 -13.96
CA PRO A 93 6.39 20.21 -13.12
C PRO A 93 6.37 20.54 -11.61
N TRP A 94 6.35 21.84 -11.27
CA TRP A 94 6.31 22.29 -9.90
C TRP A 94 5.15 21.65 -9.09
N LEU A 95 3.98 21.48 -9.70
CA LEU A 95 2.86 20.87 -9.00
C LEU A 95 3.17 19.40 -8.66
N ASN A 96 3.81 18.69 -9.59
CA ASN A 96 4.19 17.32 -9.29
C ASN A 96 5.23 17.31 -8.17
N MET A 97 6.14 18.29 -8.15
CA MET A 97 7.15 18.31 -7.11
C MET A 97 6.47 18.55 -5.76
N ASP A 98 5.54 19.51 -5.71
CA ASP A 98 4.79 19.82 -4.48
C ASP A 98 4.05 18.53 -3.99
N ARG A 99 3.39 17.82 -4.91
CA ARG A 99 2.62 16.62 -4.57
C ARG A 99 3.52 15.47 -4.09
N MET A 100 4.66 15.30 -4.75
CA MET A 100 5.64 14.29 -4.34
C MET A 100 6.15 14.54 -2.94
N LEU A 101 6.42 15.80 -2.60
CA LEU A 101 6.91 16.16 -1.26
C LEU A 101 5.80 15.90 -0.21
N ARG A 102 4.55 16.20 -0.56
CA ARG A 102 3.44 15.93 0.38
C ARG A 102 3.32 14.40 0.61
N SER A 103 3.50 13.62 -0.44
CA SER A 103 3.41 12.16 -0.31
C SER A 103 4.55 11.67 0.58
N ALA A 104 5.74 12.23 0.38
CA ALA A 104 6.90 11.84 1.17
C ALA A 104 6.70 12.10 2.68
N MET A 105 6.15 13.27 3.04
CA MET A 105 5.92 13.57 4.45
C MET A 105 4.87 12.64 5.06
N ARG A 106 3.86 12.26 4.26
CA ARG A 106 2.80 11.41 4.76
C ARG A 106 3.37 10.03 5.06
N LEU A 107 4.38 9.60 4.32
CA LEU A 107 5.00 8.27 4.57
C LEU A 107 6.31 8.37 5.39
N CYS A 108 6.53 9.52 6.02
CA CYS A 108 7.74 9.74 6.83
C CYS A 108 9.00 9.38 6.03
N LEU A 109 9.07 9.84 4.79
CA LEU A 109 10.25 9.61 3.95
C LEU A 109 11.01 10.94 3.96
N PRO A 110 12.29 10.93 3.61
CA PRO A 110 13.01 12.20 3.66
C PRO A 110 12.56 13.33 2.77
N SER A 111 12.52 14.50 3.33
CA SER A 111 12.20 15.66 2.53
C SER A 111 13.40 15.94 1.58
N PHE A 112 13.17 16.76 0.56
CA PHE A 112 14.19 17.17 -0.38
C PHE A 112 13.76 18.53 -0.96
N ASP A 113 14.68 19.23 -1.61
CA ASP A 113 14.35 20.54 -2.22
C ASP A 113 13.69 20.33 -3.59
N LYS A 114 12.46 20.79 -3.77
CA LYS A 114 11.74 20.61 -5.03
C LYS A 114 12.46 21.15 -6.27
N LEU A 115 13.08 22.31 -6.15
CA LEU A 115 13.81 22.85 -7.31
C LEU A 115 15.06 22.07 -7.65
N GLU A 116 15.71 21.46 -6.67
CA GLU A 116 16.91 20.68 -6.96
C GLU A 116 16.49 19.41 -7.71
N LEU A 117 15.41 18.77 -7.25
CA LEU A 117 14.98 17.57 -7.94
C LEU A 117 14.58 17.95 -9.35
N LEU A 118 13.83 19.06 -9.48
CA LEU A 118 13.41 19.47 -10.81
C LEU A 118 14.64 19.71 -11.72
N GLU A 119 15.68 20.34 -11.20
CA GLU A 119 16.89 20.59 -12.02
C GLU A 119 17.57 19.29 -12.42
N CYS A 120 17.69 18.32 -11.51
CA CYS A 120 18.30 17.03 -11.86
C CYS A 120 17.42 16.32 -12.87
N ILE A 121 16.09 16.49 -12.76
CA ILE A 121 15.22 15.83 -13.71
C ILE A 121 15.45 16.49 -15.08
N ARG A 122 15.58 17.82 -15.06
CA ARG A 122 15.84 18.58 -16.26
C ARG A 122 17.15 18.02 -16.88
N ARG A 123 18.19 17.87 -16.07
CA ARG A 123 19.47 17.35 -16.58
C ARG A 123 19.33 15.95 -17.15
N LEU A 124 18.55 15.10 -16.47
CA LEU A 124 18.34 13.74 -16.98
C LEU A 124 17.64 13.76 -18.33
N ILE A 125 16.61 14.59 -18.45
CA ILE A 125 15.92 14.64 -19.71
C ILE A 125 16.84 15.17 -20.83
N GLU A 126 17.67 16.12 -20.49
CA GLU A 126 18.61 16.67 -21.46
C GLU A 126 19.49 15.52 -21.99
N VAL A 127 20.05 14.75 -21.08
CA VAL A 127 20.90 13.62 -21.49
C VAL A 127 20.17 12.70 -22.47
N ASP A 128 18.93 12.37 -22.15
CA ASP A 128 18.14 11.50 -23.01
C ASP A 128 17.18 12.23 -23.99
N LYS A 129 17.50 13.47 -24.36
CA LYS A 129 16.62 14.24 -25.24
C LYS A 129 16.24 13.56 -26.55
N ASP A 130 17.18 12.79 -27.09
CA ASP A 130 16.99 12.06 -28.33
C ASP A 130 15.88 11.03 -28.24
N TRP A 131 15.42 10.76 -27.02
CA TRP A 131 14.32 9.81 -26.83
C TRP A 131 12.97 10.50 -26.84
N VAL A 132 12.95 11.81 -26.74
CA VAL A 132 11.67 12.48 -26.71
C VAL A 132 11.02 12.49 -28.06
N PRO A 133 9.95 11.70 -28.23
CA PRO A 133 9.29 11.67 -29.54
C PRO A 133 8.74 13.04 -29.91
N ASP A 134 8.35 13.22 -31.17
CA ASP A 134 7.78 14.50 -31.58
C ASP A 134 6.59 14.39 -32.52
N ALA A 135 6.16 13.16 -32.78
CA ALA A 135 5.00 12.97 -33.63
C ALA A 135 3.79 13.47 -32.82
N ALA A 136 2.76 13.88 -33.53
CA ALA A 136 1.53 14.38 -32.93
C ALA A 136 1.07 13.54 -31.72
N GLY A 137 0.73 14.23 -30.65
CA GLY A 137 0.25 13.56 -29.44
C GLY A 137 1.16 12.55 -28.74
N THR A 138 2.47 12.67 -28.96
CA THR A 138 3.42 11.77 -28.31
C THR A 138 4.16 12.64 -27.31
N SER A 139 4.89 12.00 -26.40
CA SER A 139 5.61 12.73 -25.38
C SER A 139 6.56 11.81 -24.63
N LEU A 140 7.26 12.37 -23.63
CA LEU A 140 8.18 11.58 -22.80
C LEU A 140 7.58 11.58 -21.40
N TYR A 141 7.30 10.39 -20.88
CA TYR A 141 6.67 10.23 -19.57
C TYR A 141 7.79 10.13 -18.58
N VAL A 142 7.70 10.88 -17.49
CA VAL A 142 8.74 10.96 -16.47
C VAL A 142 8.18 10.30 -15.18
N ARG A 143 8.91 9.36 -14.61
CA ARG A 143 8.46 8.63 -13.44
C ARG A 143 9.43 8.68 -12.28
N PRO A 144 9.30 9.70 -11.42
CA PRO A 144 10.15 9.84 -10.25
C PRO A 144 9.51 8.85 -9.24
N VAL A 145 10.34 8.37 -8.31
CA VAL A 145 9.91 7.40 -7.30
C VAL A 145 10.75 7.62 -6.06
N LEU A 146 10.15 7.47 -4.88
CA LEU A 146 10.90 7.59 -3.63
C LEU A 146 10.44 6.41 -2.79
N ILE A 147 11.39 5.61 -2.32
CA ILE A 147 11.06 4.44 -1.49
C ILE A 147 11.86 4.33 -0.21
N GLY A 148 11.23 3.72 0.81
CA GLY A 148 11.89 3.51 2.08
C GLY A 148 12.82 2.37 1.73
N ASN A 149 13.90 2.22 2.50
CA ASN A 149 14.86 1.21 2.17
C ASN A 149 15.67 0.75 3.38
N GLU A 150 15.05 0.72 4.57
CA GLU A 150 15.75 0.26 5.76
C GLU A 150 15.65 -1.27 5.76
N PRO A 151 16.76 -1.98 5.96
CA PRO A 151 16.86 -3.44 5.98
C PRO A 151 16.38 -3.93 7.37
N SER A 152 15.11 -3.65 7.66
CA SER A 152 14.56 -3.99 8.96
C SER A 152 13.07 -4.34 8.87
N LEU A 153 12.62 -5.31 9.65
CA LEU A 153 11.21 -5.71 9.59
C LEU A 153 10.33 -4.90 10.51
N GLY A 154 10.91 -4.03 11.32
CA GLY A 154 10.07 -3.20 12.17
C GLY A 154 9.26 -2.21 11.32
N VAL A 155 7.97 -2.02 11.61
CA VAL A 155 7.16 -1.07 10.85
C VAL A 155 7.53 0.29 11.41
N SER A 156 8.44 1.02 10.75
CA SER A 156 8.83 2.33 11.30
C SER A 156 9.42 3.33 10.29
N GLN A 157 9.75 4.53 10.75
CA GLN A 157 10.36 5.56 9.89
C GLN A 157 11.70 5.04 9.42
N PRO A 158 11.88 4.85 8.10
CA PRO A 158 13.15 4.35 7.60
C PRO A 158 14.30 5.33 7.85
N ARG A 159 15.51 4.78 8.01
CA ARG A 159 16.74 5.53 8.25
C ARG A 159 17.57 5.51 6.97
N ARG A 160 16.97 4.95 5.92
CA ARG A 160 17.58 4.88 4.63
C ARG A 160 16.44 4.97 3.61
N ALA A 161 16.72 5.57 2.46
CA ALA A 161 15.73 5.70 1.40
C ALA A 161 16.44 5.85 0.04
N LEU A 162 15.68 5.67 -1.03
CA LEU A 162 16.23 5.80 -2.36
C LEU A 162 15.25 6.54 -3.28
N LEU A 163 15.78 7.51 -4.01
CA LEU A 163 15.00 8.30 -4.94
C LEU A 163 15.55 8.07 -6.35
N PHE A 164 14.67 7.71 -7.28
CA PHE A 164 15.14 7.49 -8.62
C PHE A 164 14.08 7.94 -9.59
N VAL A 165 14.52 8.19 -10.82
CA VAL A 165 13.65 8.64 -11.90
C VAL A 165 13.99 7.89 -13.18
N ILE A 166 12.96 7.37 -13.85
CA ILE A 166 13.11 6.67 -15.10
C ILE A 166 12.15 7.34 -16.12
N LEU A 167 12.48 7.20 -17.40
CA LEU A 167 11.74 7.83 -18.50
C LEU A 167 11.21 6.85 -19.55
N CYS A 168 10.02 7.10 -20.07
CA CYS A 168 9.41 6.26 -21.11
C CYS A 168 8.86 7.09 -22.24
N PRO A 169 9.22 6.75 -23.49
CA PRO A 169 8.69 7.53 -24.62
C PRO A 169 7.23 7.08 -24.73
N VAL A 170 6.30 7.98 -24.93
CA VAL A 170 4.91 7.53 -25.06
C VAL A 170 4.31 7.87 -26.41
N GLY A 171 3.64 6.86 -27.00
CA GLY A 171 3.03 6.99 -28.32
C GLY A 171 1.67 7.59 -28.54
N ALA A 172 0.96 7.97 -27.47
CA ALA A 172 -0.37 8.60 -27.56
C ALA A 172 -1.56 7.96 -26.81
N TYR A 173 -2.74 8.43 -27.21
CA TYR A 173 -4.03 8.01 -26.67
C TYR A 173 -5.05 8.28 -27.80
N VAL A 179 -8.42 10.31 -30.22
CA VAL A 179 -9.69 10.44 -29.42
C VAL A 179 -10.59 9.16 -29.55
N THR A 180 -11.62 9.09 -28.71
CA THR A 180 -12.60 7.99 -28.62
C THR A 180 -13.01 7.89 -27.14
N PRO A 181 -14.31 7.81 -26.89
CA PRO A 181 -14.84 7.74 -25.53
C PRO A 181 -14.62 6.39 -24.87
N VAL A 182 -14.73 6.35 -23.54
CA VAL A 182 -14.58 5.10 -22.80
C VAL A 182 -15.79 4.81 -22.00
N SER A 183 -15.92 3.55 -21.63
CA SER A 183 -17.04 3.09 -20.82
C SER A 183 -16.47 2.81 -19.43
N LEU A 184 -17.31 3.08 -18.42
CA LEU A 184 -16.88 2.94 -17.03
C LEU A 184 -17.81 2.06 -16.25
N LEU A 185 -17.22 1.28 -15.36
CA LEU A 185 -18.00 0.43 -14.48
C LEU A 185 -18.09 1.22 -13.17
N ALA A 186 -19.31 1.46 -12.73
CA ALA A 186 -19.59 2.16 -11.48
C ALA A 186 -20.33 1.20 -10.52
N ASP A 187 -19.56 0.48 -9.70
CA ASP A 187 -20.15 -0.45 -8.71
C ASP A 187 -19.76 -0.06 -7.28
N PRO A 188 -20.75 0.20 -6.42
CA PRO A 188 -20.53 0.61 -5.02
C PRO A 188 -19.72 -0.39 -4.17
N ALA A 189 -19.62 -1.63 -4.61
CA ALA A 189 -18.89 -2.64 -3.87
C ALA A 189 -17.36 -2.38 -3.69
N PHE A 190 -16.78 -1.59 -4.58
CA PHE A 190 -15.34 -1.36 -4.55
C PHE A 190 -15.01 -0.02 -3.97
N ILE A 191 -14.15 -0.01 -2.95
CA ILE A 191 -13.77 1.23 -2.29
C ILE A 191 -12.25 1.49 -2.34
N ARG A 192 -11.90 2.54 -3.08
CA ARG A 192 -10.52 2.92 -3.33
C ARG A 192 -9.81 3.74 -2.27
N ALA A 193 -10.56 4.60 -1.60
CA ALA A 193 -9.98 5.45 -0.58
C ALA A 193 -11.13 5.96 0.29
N TRP A 194 -10.81 6.55 1.43
CA TRP A 194 -11.85 7.00 2.34
C TRP A 194 -11.43 8.26 3.06
N VAL A 195 -12.39 8.95 3.63
CA VAL A 195 -12.09 10.17 4.37
C VAL A 195 -11.15 9.80 5.52
N GLY A 196 -10.06 10.54 5.68
CA GLY A 196 -9.12 10.21 6.73
C GLY A 196 -8.07 9.23 6.25
N GLY A 197 -8.19 8.83 4.96
CA GLY A 197 -7.28 7.87 4.33
C GLY A 197 -6.13 8.51 3.57
N VAL A 198 -5.57 7.83 2.57
CA VAL A 198 -4.44 8.43 1.85
C VAL A 198 -4.68 8.54 0.33
N GLY A 199 -5.95 8.65 -0.04
CA GLY A 199 -6.32 8.77 -1.45
C GLY A 199 -5.81 10.06 -2.09
N ASN A 200 -5.54 11.07 -1.27
CA ASN A 200 -5.03 12.31 -1.81
C ASN A 200 -3.51 12.38 -1.94
N TYR A 201 -2.82 11.22 -1.90
CA TYR A 201 -1.38 11.18 -2.04
C TYR A 201 -1.11 10.09 -3.09
N LYS A 202 -0.02 10.24 -3.83
CA LYS A 202 0.29 9.28 -4.89
C LYS A 202 1.17 8.15 -4.36
N LEU A 203 0.56 7.33 -3.51
CA LEU A 203 1.26 6.22 -2.87
C LEU A 203 0.95 4.93 -3.61
N GLY A 204 1.99 4.12 -3.85
CA GLY A 204 1.75 2.87 -4.53
C GLY A 204 0.62 2.07 -3.90
N GLY A 205 0.51 2.07 -2.57
CA GLY A 205 -0.53 1.30 -1.93
C GLY A 205 -1.96 1.57 -2.40
N ASN A 206 -2.20 2.77 -2.94
CA ASN A 206 -3.53 3.08 -3.47
C ASN A 206 -3.88 2.28 -4.76
N TYR A 207 -2.86 1.82 -5.47
CA TYR A 207 -3.08 1.19 -6.77
C TYR A 207 -3.20 -0.33 -6.84
N GLY A 208 -2.36 -1.01 -6.06
CA GLY A 208 -2.38 -2.46 -6.07
C GLY A 208 -3.77 -3.08 -5.90
N PRO A 209 -4.57 -2.59 -4.94
CA PRO A 209 -5.91 -3.17 -4.79
C PRO A 209 -6.85 -2.90 -5.97
N THR A 210 -6.48 -2.02 -6.91
CA THR A 210 -7.40 -1.77 -8.02
C THR A 210 -7.26 -2.75 -9.20
N VAL A 211 -6.18 -3.50 -9.24
CA VAL A 211 -5.92 -4.41 -10.35
C VAL A 211 -7.07 -5.38 -10.55
N LEU A 212 -7.48 -6.04 -9.48
CA LEU A 212 -8.58 -6.97 -9.52
C LEU A 212 -9.86 -6.30 -10.00
N VAL A 213 -10.12 -5.09 -9.53
CA VAL A 213 -11.32 -4.36 -9.90
C VAL A 213 -11.31 -3.96 -11.35
N GLN A 214 -10.16 -3.56 -11.85
CA GLN A 214 -10.06 -3.19 -13.24
C GLN A 214 -10.32 -4.46 -14.06
N GLN A 215 -9.77 -5.61 -13.66
CA GLN A 215 -10.06 -6.85 -14.41
C GLN A 215 -11.58 -7.12 -14.43
N GLU A 216 -12.25 -6.85 -13.33
CA GLU A 216 -13.69 -7.06 -13.27
C GLU A 216 -14.43 -6.13 -14.27
N ALA A 217 -13.99 -4.87 -14.37
CA ALA A 217 -14.58 -3.92 -15.28
C ALA A 217 -14.50 -4.47 -16.73
N LEU A 218 -13.37 -5.05 -17.09
CA LEU A 218 -13.28 -5.64 -18.43
C LEU A 218 -14.22 -6.82 -18.62
N LYS A 219 -14.18 -7.81 -17.74
CA LYS A 219 -15.11 -8.93 -17.94
C LYS A 219 -16.54 -8.40 -17.95
N ARG A 220 -16.76 -7.18 -17.48
CA ARG A 220 -18.12 -6.69 -17.49
C ARG A 220 -18.36 -5.80 -18.71
N GLY A 221 -17.35 -5.70 -19.57
CA GLY A 221 -17.51 -4.91 -20.77
C GLY A 221 -17.15 -3.44 -20.69
N CYS A 222 -16.64 -2.99 -19.55
CA CYS A 222 -16.25 -1.59 -19.46
C CYS A 222 -14.74 -1.45 -19.59
N GLU A 223 -14.27 -0.26 -19.88
CA GLU A 223 -12.85 -0.03 -20.06
C GLU A 223 -12.12 0.46 -18.82
N GLN A 224 -12.85 1.18 -17.95
CA GLN A 224 -12.24 1.69 -16.74
C GLN A 224 -13.24 1.70 -15.61
N VAL A 225 -12.74 2.02 -14.43
CA VAL A 225 -13.57 2.01 -13.24
C VAL A 225 -13.90 3.43 -12.76
N LEU A 226 -15.18 3.69 -12.50
CA LEU A 226 -15.65 4.96 -11.95
C LEU A 226 -15.79 4.60 -10.46
N TRP A 227 -14.92 5.15 -9.63
CA TRP A 227 -14.92 4.84 -8.20
C TRP A 227 -15.99 5.60 -7.43
N LEU A 228 -16.89 4.89 -6.75
CA LEU A 228 -17.95 5.56 -5.99
C LEU A 228 -17.61 5.54 -4.50
N TYR A 229 -18.17 6.46 -3.73
CA TYR A 229 -17.89 6.54 -2.30
C TYR A 229 -19.12 6.97 -1.51
N GLY A 230 -19.34 6.33 -0.36
CA GLY A 230 -20.48 6.72 0.49
C GLY A 230 -21.82 6.08 0.17
N PRO A 231 -22.85 6.17 1.08
CA PRO A 231 -24.22 5.64 0.95
C PRO A 231 -24.85 6.39 -0.24
N ASP A 232 -23.97 7.41 -0.15
N ASP A 232 -25.09 7.69 -0.30
CA ASP A 232 -23.63 8.67 -0.81
CA ASP A 232 -25.73 8.33 -1.64
C ASP A 232 -22.92 8.26 -2.04
C ASP A 232 -24.83 7.86 -2.89
N HIS A 233 -23.54 7.40 -2.84
CA HIS A 233 -22.81 6.96 -4.07
C HIS A 233 -22.22 8.11 -4.86
N GLN A 234 -21.28 8.84 -4.28
CA GLN A 234 -20.79 9.96 -5.04
C GLN A 234 -19.62 9.52 -5.94
N LEU A 235 -19.52 10.24 -7.06
CA LEU A 235 -18.48 9.99 -8.05
C LEU A 235 -17.14 10.62 -7.58
N THR A 236 -16.12 9.79 -7.37
CA THR A 236 -14.87 10.34 -6.93
C THR A 236 -13.90 10.60 -8.06
N GLU A 237 -13.34 9.54 -8.64
CA GLU A 237 -12.43 9.66 -9.78
C GLU A 237 -12.57 8.41 -10.64
N VAL A 238 -12.11 8.48 -11.89
CA VAL A 238 -12.32 7.37 -12.83
C VAL A 238 -11.03 6.81 -13.27
N GLY A 239 -10.76 5.56 -12.89
CA GLY A 239 -9.50 4.92 -13.24
C GLY A 239 -8.34 5.60 -12.55
N THR A 240 -7.50 6.28 -13.34
CA THR A 240 -6.35 7.05 -12.89
C THR A 240 -6.55 8.46 -13.49
N MET A 241 -7.77 8.97 -13.33
CA MET A 241 -8.16 10.30 -13.83
C MET A 241 -9.18 10.92 -12.91
N ASN A 242 -9.16 12.24 -12.86
CA ASN A 242 -10.19 12.94 -12.10
C ASN A 242 -11.36 12.98 -13.07
N ILE A 243 -12.54 13.16 -12.52
CA ILE A 243 -13.74 13.16 -13.29
C ILE A 243 -14.42 14.53 -13.31
N PHE A 244 -14.88 14.92 -14.50
CA PHE A 244 -15.60 16.20 -14.72
C PHE A 244 -16.95 15.99 -15.35
N VAL A 245 -17.88 16.88 -15.02
CA VAL A 245 -19.22 16.85 -15.62
C VAL A 245 -19.60 18.30 -16.07
N TYR A 246 -19.98 18.43 -17.33
CA TYR A 246 -20.42 19.70 -17.93
C TYR A 246 -21.91 19.55 -18.14
N TRP A 247 -22.68 20.38 -17.47
CA TRP A 247 -24.14 20.28 -17.57
C TRP A 247 -24.84 21.52 -17.05
N THR A 248 -26.16 21.48 -17.18
CA THR A 248 -26.98 22.53 -16.61
C THR A 248 -27.43 21.86 -15.31
N HIS A 249 -27.02 22.47 -14.21
CA HIS A 249 -27.36 21.94 -12.91
C HIS A 249 -28.88 22.02 -12.63
N GLU A 250 -29.27 21.52 -11.45
CA GLU A 250 -30.67 21.51 -11.07
C GLU A 250 -31.25 22.91 -11.03
N ASP A 251 -30.41 23.87 -10.66
CA ASP A 251 -30.83 25.25 -10.60
C ASP A 251 -30.90 25.87 -12.00
N GLY A 252 -30.84 25.01 -13.02
CA GLY A 252 -30.86 25.45 -14.40
C GLY A 252 -29.70 26.39 -14.83
N VAL A 253 -28.58 26.37 -14.11
CA VAL A 253 -27.39 27.18 -14.44
C VAL A 253 -26.30 26.28 -15.08
N LEU A 254 -25.77 26.68 -16.24
CA LEU A 254 -24.74 25.91 -16.94
C LEU A 254 -23.44 25.87 -16.14
N GLU A 255 -22.93 24.68 -15.88
CA GLU A 255 -21.67 24.63 -15.12
C GLU A 255 -20.79 23.45 -15.39
N LEU A 256 -19.54 23.61 -14.90
CA LEU A 256 -18.54 22.56 -14.98
C LEU A 256 -18.21 22.22 -13.52
N VAL A 257 -18.51 20.99 -13.11
CA VAL A 257 -18.25 20.57 -11.74
C VAL A 257 -17.31 19.36 -11.69
N THR A 258 -16.55 19.34 -10.62
CA THR A 258 -15.64 18.24 -10.39
C THR A 258 -15.61 18.04 -8.86
N PRO A 259 -15.54 16.77 -8.40
CA PRO A 259 -15.51 16.51 -6.96
C PRO A 259 -14.43 17.33 -6.29
N PRO A 260 -14.70 17.81 -5.07
CA PRO A 260 -13.76 18.63 -4.29
C PRO A 260 -12.55 17.88 -3.70
N LEU A 261 -11.48 18.60 -3.36
CA LEU A 261 -10.31 17.94 -2.77
C LEU A 261 -10.60 17.76 -1.29
N ASN A 262 -11.35 16.72 -0.96
CA ASN A 262 -11.75 16.50 0.41
C ASN A 262 -10.98 15.37 1.03
N GLY A 263 -9.92 14.91 0.38
CA GLY A 263 -9.14 13.84 0.97
C GLY A 263 -9.25 12.45 0.34
N VAL A 264 -10.38 12.73 -0.48
N VAL A 264 -10.28 11.88 -0.18
CA VAL A 264 -11.28 12.05 -1.54
CA VAL A 264 -10.24 10.49 -0.60
C VAL A 264 -10.69 12.38 -2.74
C VAL A 264 -9.78 10.53 -2.23
N ILE A 265 -9.63 11.71 -2.95
CA ILE A 265 -9.08 11.88 -4.33
C ILE A 265 -7.83 12.71 -4.49
N LEU A 266 -7.15 12.31 -5.53
CA LEU A 266 -5.88 12.85 -5.91
C LEU A 266 -6.02 14.22 -6.59
N PRO A 267 -5.27 15.23 -6.13
CA PRO A 267 -5.32 16.59 -6.73
C PRO A 267 -4.54 16.55 -8.07
N GLY A 268 -5.21 16.11 -9.14
CA GLY A 268 -4.57 16.00 -10.43
C GLY A 268 -4.12 17.36 -10.97
N VAL A 269 -2.94 17.33 -11.58
CA VAL A 269 -2.34 18.53 -12.21
C VAL A 269 -3.20 18.95 -13.41
N VAL A 270 -3.66 17.99 -14.23
CA VAL A 270 -4.53 18.33 -15.36
C VAL A 270 -5.85 18.89 -14.85
N ARG A 271 -6.40 18.30 -13.77
CA ARG A 271 -7.64 18.72 -13.15
C ARG A 271 -7.53 20.22 -12.75
N GLN A 272 -6.44 20.55 -12.07
CA GLN A 272 -6.23 21.91 -11.62
C GLN A 272 -6.11 22.86 -12.82
N SER A 273 -5.51 22.36 -13.90
CA SER A 273 -5.33 23.15 -15.11
C SER A 273 -6.66 23.42 -15.81
N LEU A 274 -7.54 22.41 -15.85
CA LEU A 274 -8.81 22.60 -16.52
C LEU A 274 -9.67 23.64 -15.73
N LEU A 275 -9.68 23.51 -14.41
CA LEU A 275 -10.37 24.46 -13.54
C LEU A 275 -9.82 25.88 -13.79
N ASP A 276 -8.49 26.05 -13.72
CA ASP A 276 -7.84 27.35 -13.95
C ASP A 276 -8.27 27.97 -15.29
N MET A 277 -8.15 27.18 -16.33
CA MET A 277 -8.47 27.57 -17.69
C MET A 277 -9.94 27.97 -17.81
N ALA A 278 -10.83 27.15 -17.27
CA ALA A 278 -12.26 27.45 -17.35
C ALA A 278 -12.63 28.65 -16.51
N GLN A 279 -12.06 28.74 -15.31
CA GLN A 279 -12.29 29.89 -14.45
C GLN A 279 -11.89 31.15 -15.28
N THR A 280 -10.70 31.13 -15.87
CA THR A 280 -10.20 32.25 -16.70
C THR A 280 -11.17 32.72 -17.80
N TRP A 281 -11.68 31.80 -18.60
CA TRP A 281 -12.62 32.16 -19.66
C TRP A 281 -13.80 32.97 -19.10
N GLY A 282 -14.36 32.52 -17.98
CA GLY A 282 -15.47 33.23 -17.41
C GLY A 282 -16.76 33.10 -18.22
N GLU A 283 -16.89 32.03 -19.00
CA GLU A 283 -18.09 31.90 -19.80
C GLU A 283 -19.18 31.13 -19.10
N PHE A 284 -18.83 30.42 -18.04
CA PHE A 284 -19.81 29.65 -17.29
C PHE A 284 -19.30 29.35 -15.90
N ARG A 285 -20.20 28.96 -15.03
CA ARG A 285 -19.87 28.66 -13.67
C ARG A 285 -18.94 27.42 -13.58
N VAL A 286 -17.88 27.55 -12.81
CA VAL A 286 -16.89 26.49 -12.60
C VAL A 286 -16.86 26.20 -11.08
N VAL A 287 -17.21 24.98 -10.66
CA VAL A 287 -17.20 24.68 -9.20
C VAL A 287 -16.66 23.30 -8.75
N GLU A 288 -16.26 23.21 -7.48
CA GLU A 288 -15.81 21.94 -6.91
C GLU A 288 -16.89 21.54 -5.93
N ARG A 289 -17.61 20.49 -6.27
CA ARG A 289 -18.71 20.05 -5.43
C ARG A 289 -18.94 18.57 -5.59
N THR A 290 -19.53 17.98 -4.56
CA THR A 290 -19.88 16.58 -4.57
C THR A 290 -20.81 16.34 -5.76
N ILE A 291 -20.67 15.18 -6.39
CA ILE A 291 -21.54 14.79 -7.47
C ILE A 291 -22.03 13.40 -7.11
N THR A 292 -23.35 13.17 -7.08
CA THR A 292 -23.92 11.85 -6.77
C THR A 292 -24.52 11.12 -7.98
N MET A 293 -24.59 9.79 -7.89
CA MET A 293 -25.20 9.05 -9.01
C MET A 293 -26.65 9.45 -9.17
N LYS A 294 -27.33 9.70 -8.05
CA LYS A 294 -28.72 10.16 -8.12
C LYS A 294 -28.79 11.45 -8.94
N GLN A 295 -27.92 12.42 -8.68
CA GLN A 295 -28.00 13.66 -9.45
C GLN A 295 -27.72 13.41 -10.92
N LEU A 296 -26.78 12.50 -11.19
CA LEU A 296 -26.41 12.23 -12.58
C LEU A 296 -27.56 11.56 -13.30
N LEU A 297 -28.05 10.49 -12.68
CA LEU A 297 -29.17 9.72 -13.20
C LEU A 297 -30.31 10.65 -13.58
N ARG A 298 -30.62 11.57 -12.67
CA ARG A 298 -31.67 12.54 -12.86
C ARG A 298 -31.34 13.62 -13.90
N ALA A 299 -30.07 14.00 -14.03
CA ALA A 299 -29.70 15.02 -15.02
C ALA A 299 -29.72 14.40 -16.40
N LEU A 300 -29.38 13.12 -16.48
CA LEU A 300 -29.39 12.42 -17.75
C LEU A 300 -30.87 12.33 -18.10
N GLU A 301 -31.60 11.64 -17.24
CA GLU A 301 -33.03 11.47 -17.45
C GLU A 301 -33.58 12.73 -18.09
N GLU A 302 -33.24 13.88 -17.52
CA GLU A 302 -33.68 15.19 -17.99
C GLU A 302 -32.85 15.93 -19.04
N GLY A 303 -32.03 15.22 -19.83
CA GLY A 303 -31.24 15.86 -20.86
C GLY A 303 -30.43 17.13 -20.53
N ARG A 304 -30.00 17.26 -19.28
CA ARG A 304 -29.20 18.42 -18.86
C ARG A 304 -27.68 18.18 -19.04
N VAL A 305 -27.30 16.91 -19.13
CA VAL A 305 -25.89 16.55 -19.28
C VAL A 305 -25.37 16.72 -20.71
N ARG A 306 -24.30 17.48 -20.83
CA ARG A 306 -23.66 17.71 -22.10
C ARG A 306 -22.45 16.81 -22.33
N GLU A 307 -21.49 16.88 -21.42
CA GLU A 307 -20.26 16.13 -21.55
C GLU A 307 -19.75 15.66 -20.19
N VAL A 308 -19.17 14.46 -20.17
CA VAL A 308 -18.57 13.87 -19.00
C VAL A 308 -17.18 13.41 -19.47
N PHE A 309 -16.16 13.68 -18.67
CA PHE A 309 -14.83 13.24 -19.08
C PHE A 309 -13.87 13.08 -17.93
N GLY A 310 -12.79 12.36 -18.17
CA GLY A 310 -11.77 12.20 -17.16
C GLY A 310 -10.59 13.10 -17.56
N SER A 311 -9.73 13.40 -16.60
CA SER A 311 -8.56 14.22 -16.86
C SER A 311 -7.37 13.57 -16.16
N GLY A 312 -6.22 13.55 -16.83
CA GLY A 312 -5.06 12.95 -16.21
C GLY A 312 -3.87 13.07 -17.16
N THR A 313 -2.66 12.92 -16.62
CA THR A 313 -1.45 13.05 -17.45
C THR A 313 -1.43 12.12 -18.66
N ALA A 314 -1.85 10.87 -18.46
CA ALA A 314 -1.85 9.87 -19.54
C ALA A 314 -2.82 10.28 -20.62
N CYS A 315 -4.02 10.63 -20.17
CA CYS A 315 -5.08 11.01 -21.09
C CYS A 315 -5.67 12.33 -20.61
N GLN A 316 -5.09 13.40 -21.14
CA GLN A 316 -5.45 14.76 -20.78
C GLN A 316 -6.92 15.01 -20.58
N VAL A 317 -7.73 14.84 -21.64
CA VAL A 317 -9.16 15.04 -21.52
C VAL A 317 -9.78 13.86 -22.24
N CYS A 318 -10.41 12.97 -21.46
CA CYS A 318 -10.95 11.70 -21.90
C CYS A 318 -12.45 11.57 -21.91
N PRO A 319 -13.08 11.64 -23.10
CA PRO A 319 -14.55 11.52 -23.18
C PRO A 319 -15.11 10.22 -22.64
N VAL A 320 -16.28 10.32 -22.01
CA VAL A 320 -16.97 9.15 -21.47
C VAL A 320 -18.30 9.05 -22.17
N HIS A 321 -18.61 7.88 -22.71
CA HIS A 321 -19.88 7.72 -23.39
C HIS A 321 -20.85 6.76 -22.68
N ARG A 322 -20.33 5.97 -21.77
CA ARG A 322 -21.19 4.99 -21.09
C ARG A 322 -20.74 4.71 -19.68
N ILE A 323 -21.71 4.49 -18.81
CA ILE A 323 -21.46 4.14 -17.42
C ILE A 323 -22.40 3.03 -17.05
N LEU A 324 -21.86 1.89 -16.63
CA LEU A 324 -22.71 0.76 -16.23
C LEU A 324 -22.83 0.85 -14.70
N TYR A 325 -24.01 1.25 -14.25
CA TYR A 325 -24.29 1.41 -12.83
C TYR A 325 -25.20 0.28 -12.40
N LYS A 326 -24.51 -0.73 -11.84
CA LYS A 326 -25.08 -1.98 -11.35
C LYS A 326 -25.64 -2.73 -12.57
N ASP A 327 -26.91 -2.55 -12.90
CA ASP A 327 -27.38 -3.25 -14.07
C ASP A 327 -27.66 -2.48 -15.42
N ARG A 328 -27.82 -1.23 -14.88
N ARG A 328 -28.80 -1.76 -15.58
CA ARG A 328 -28.08 0.05 -15.51
CA ARG A 328 -29.16 -1.21 -16.96
C ARG A 328 -27.05 0.64 -16.43
C ARG A 328 -28.20 -0.54 -18.03
N ASN A 329 -27.14 0.25 -17.70
CA ASN A 329 -26.20 0.86 -18.70
C ASN A 329 -26.70 2.28 -18.97
N LEU A 330 -25.92 3.30 -18.63
CA LEU A 330 -26.34 4.68 -18.84
C LEU A 330 -25.60 5.24 -20.05
N HIS A 331 -26.35 5.72 -21.05
CA HIS A 331 -25.69 6.31 -22.20
C HIS A 331 -25.35 7.75 -21.79
N ILE A 332 -24.10 8.13 -22.04
CA ILE A 332 -23.68 9.50 -21.75
C ILE A 332 -23.53 10.22 -23.08
N PRO A 333 -24.33 11.26 -23.31
CA PRO A 333 -24.40 12.11 -24.52
C PRO A 333 -23.16 12.90 -24.91
N THR A 334 -22.01 12.65 -24.26
CA THR A 334 -20.79 13.39 -24.55
C THR A 334 -20.47 13.65 -26.03
N MET A 335 -20.25 12.59 -26.80
CA MET A 335 -19.93 12.68 -28.22
C MET A 335 -21.01 13.37 -29.10
N GLU A 336 -22.29 13.28 -28.75
CA GLU A 336 -23.27 13.97 -29.57
C GLU A 336 -23.35 15.47 -29.27
N ASN A 337 -22.65 15.92 -28.24
CA ASN A 337 -22.64 17.34 -27.89
C ASN A 337 -21.30 17.91 -28.32
N GLY A 338 -20.69 17.22 -29.28
CA GLY A 338 -19.39 17.57 -29.84
C GLY A 338 -18.54 17.53 -28.60
N PRO A 339 -17.53 16.68 -28.49
CA PRO A 339 -17.10 17.09 -27.15
C PRO A 339 -16.61 18.57 -27.35
N GLU A 340 -17.57 19.50 -27.34
CA GLU A 340 -17.29 20.89 -27.54
C GLU A 340 -16.36 21.41 -26.47
N LEU A 341 -16.68 21.22 -25.18
CA LEU A 341 -15.78 21.72 -24.14
C LEU A 341 -14.47 20.90 -24.15
N ILE A 342 -14.61 19.58 -24.26
CA ILE A 342 -13.46 18.69 -24.32
C ILE A 342 -12.51 19.14 -25.45
N LEU A 343 -13.06 19.39 -26.65
CA LEU A 343 -12.28 19.85 -27.82
C LEU A 343 -11.56 21.17 -27.56
N ARG A 344 -12.28 22.13 -26.97
CA ARG A 344 -11.69 23.40 -26.65
C ARG A 344 -10.53 23.19 -25.62
N PHE A 345 -10.74 22.37 -24.57
CA PHE A 345 -9.66 22.14 -23.62
C PHE A 345 -8.46 21.51 -24.33
N GLN A 346 -8.71 20.46 -25.09
CA GLN A 346 -7.64 19.79 -25.81
C GLN A 346 -6.89 20.75 -26.75
N LYS A 347 -7.64 21.56 -27.48
CA LYS A 347 -6.99 22.53 -28.35
C LYS A 347 -6.02 23.40 -27.56
N GLU A 348 -6.49 23.99 -26.47
CA GLU A 348 -5.66 24.88 -25.66
C GLU A 348 -4.43 24.24 -25.05
N LEU A 349 -4.59 23.02 -24.54
CA LEU A 349 -3.47 22.32 -23.92
C LEU A 349 -2.36 21.97 -24.92
N LYS A 350 -2.75 21.53 -26.12
CA LYS A 350 -1.78 21.18 -27.14
C LYS A 350 -0.98 22.47 -27.51
N GLU A 351 -1.68 23.56 -27.75
CA GLU A 351 -1.00 24.82 -28.08
C GLU A 351 -0.01 25.23 -27.02
N ILE A 352 -0.39 25.08 -25.77
CA ILE A 352 0.50 25.43 -24.66
C ILE A 352 1.64 24.42 -24.50
N GLN A 353 1.31 23.13 -24.51
CA GLN A 353 2.34 22.11 -24.29
C GLN A 353 3.34 21.94 -25.42
N TYR A 354 2.92 22.18 -26.65
CA TYR A 354 3.86 22.00 -27.75
C TYR A 354 4.54 23.30 -28.19
N GLY A 355 4.51 24.29 -27.30
CA GLY A 355 5.16 25.57 -27.56
C GLY A 355 4.59 26.48 -28.64
N ILE A 356 3.37 26.17 -29.11
CA ILE A 356 2.72 26.99 -30.13
C ILE A 356 2.44 28.37 -29.52
N ARG A 357 2.06 28.34 -28.25
CA ARG A 357 1.68 29.50 -27.43
C ARG A 357 2.61 29.60 -26.22
N ALA A 358 3.31 30.73 -26.09
CA ALA A 358 4.19 30.93 -24.92
C ALA A 358 3.32 30.88 -23.65
N HIS A 359 3.84 30.23 -22.61
CA HIS A 359 3.08 30.15 -21.37
C HIS A 359 3.92 29.82 -20.13
N GLU A 360 3.54 30.38 -18.97
CA GLU A 360 4.29 30.13 -17.75
C GLU A 360 4.13 28.68 -17.25
N TRP A 361 3.08 28.02 -17.67
CA TRP A 361 2.87 26.63 -17.27
C TRP A 361 3.99 25.70 -17.75
N MET A 362 4.68 26.10 -18.83
CA MET A 362 5.74 25.28 -19.39
C MET A 362 7.12 25.60 -18.83
N PHE A 363 7.87 24.53 -18.54
CA PHE A 363 9.23 24.61 -18.00
C PHE A 363 10.19 24.09 -19.10
N PRO A 364 11.13 24.93 -19.55
CA PRO A 364 12.12 24.61 -20.60
C PRO A 364 13.13 23.48 -20.41
N VAL A 365 13.23 22.66 -21.45
CA VAL A 365 14.12 21.52 -21.59
C VAL A 365 14.17 20.57 -20.44
N ALA B 1 -8.39 -25.86 -11.60
CA ALA B 1 -7.50 -25.18 -12.60
C ALA B 1 -6.53 -24.22 -11.88
N SER B 2 -5.33 -24.71 -11.50
CA SER B 2 -4.35 -23.89 -10.78
C SER B 2 -2.90 -24.43 -10.73
N SER B 3 -1.95 -23.49 -10.86
CA SER B 3 -0.47 -23.63 -10.83
C SER B 3 0.30 -24.90 -10.36
N SER B 4 1.18 -24.71 -9.35
CA SER B 4 2.01 -25.80 -8.82
C SER B 4 3.09 -25.38 -7.80
N PHE B 5 4.36 -25.52 -8.25
CA PHE B 5 5.57 -25.22 -7.48
C PHE B 5 5.71 -26.31 -6.38
N LYS B 6 6.70 -27.18 -6.59
CA LYS B 6 6.94 -28.37 -5.74
C LYS B 6 8.11 -28.38 -4.80
N ALA B 7 7.92 -29.01 -3.65
CA ALA B 7 8.98 -29.04 -2.66
C ALA B 7 10.07 -30.05 -3.00
N ALA B 8 9.71 -31.11 -3.72
CA ALA B 8 10.68 -32.14 -4.11
C ALA B 8 11.85 -31.54 -4.89
N ASP B 9 11.62 -30.36 -5.47
CA ASP B 9 12.55 -29.66 -6.34
C ASP B 9 13.52 -28.64 -5.78
N LEU B 10 13.50 -28.42 -4.49
CA LEU B 10 14.39 -27.44 -3.90
C LEU B 10 15.85 -27.65 -4.33
N GLN B 11 16.66 -26.58 -4.36
CA GLN B 11 18.10 -26.71 -4.68
C GLN B 11 18.80 -26.19 -3.42
N LEU B 12 20.06 -26.51 -3.17
CA LEU B 12 20.65 -26.00 -1.94
C LEU B 12 22.05 -25.38 -2.04
N GLU B 13 22.20 -24.22 -1.40
CA GLU B 13 23.45 -23.50 -1.36
C GLU B 13 23.72 -22.96 0.03
N MET B 14 24.77 -23.46 0.69
CA MET B 14 25.07 -23.02 2.05
C MET B 14 26.04 -21.82 2.10
N THR B 15 25.92 -21.03 3.16
CA THR B 15 26.78 -19.87 3.33
C THR B 15 28.26 -20.19 3.58
N GLN B 16 29.14 -19.36 3.02
CA GLN B 16 30.56 -19.53 3.22
C GLN B 16 31.00 -18.61 4.36
N LYS B 17 30.10 -17.74 4.80
CA LYS B 17 30.44 -16.83 5.90
C LYS B 17 29.28 -16.85 6.90
N PRO B 18 29.02 -18.04 7.51
CA PRO B 18 27.95 -18.23 8.50
C PRO B 18 28.05 -17.19 9.59
N HIS B 19 27.23 -16.16 9.48
CA HIS B 19 27.26 -15.10 10.47
C HIS B 19 27.05 -15.70 11.87
N LYS B 20 27.53 -14.97 12.85
CA LYS B 20 27.47 -15.43 14.21
C LYS B 20 26.30 -14.85 15.00
N LYS B 21 25.60 -15.76 15.67
CA LYS B 21 24.41 -15.47 16.45
C LYS B 21 24.58 -14.42 17.54
N PRO B 22 23.45 -13.96 18.10
CA PRO B 22 23.39 -12.95 19.18
C PRO B 22 24.04 -13.33 20.54
N GLY B 23 24.35 -14.63 20.74
CA GLY B 23 24.99 -15.11 21.97
C GLY B 23 24.06 -15.18 23.19
N PRO B 24 24.32 -14.35 24.23
CA PRO B 24 23.49 -14.29 25.44
C PRO B 24 22.25 -13.42 25.15
N GLY B 25 21.20 -13.57 25.96
CA GLY B 25 19.98 -12.81 25.77
C GLY B 25 20.19 -11.33 26.06
N GLU B 26 20.56 -10.57 25.02
CA GLU B 26 20.83 -9.16 25.18
C GLU B 26 20.45 -8.24 24.01
N PRO B 27 20.97 -8.53 22.81
CA PRO B 27 20.67 -7.68 21.65
C PRO B 27 19.33 -7.85 20.89
N LEU B 28 19.48 -8.45 19.71
CA LEU B 28 18.41 -8.75 18.75
C LEU B 28 17.19 -7.85 18.80
N VAL B 29 17.32 -6.60 18.35
CA VAL B 29 16.16 -5.73 18.32
C VAL B 29 15.29 -6.46 17.29
N PHE B 30 13.98 -6.51 17.48
CA PHE B 30 13.15 -7.25 16.51
C PHE B 30 13.33 -6.82 15.05
N GLY B 31 13.41 -7.81 14.16
CA GLY B 31 13.53 -7.54 12.75
C GLY B 31 14.81 -6.98 12.15
N LYS B 32 15.87 -6.84 12.92
CA LYS B 32 17.09 -6.30 12.33
C LYS B 32 18.19 -7.32 12.24
N THR B 33 17.93 -8.52 12.73
CA THR B 33 18.92 -9.59 12.66
C THR B 33 18.39 -10.73 11.81
N PHE B 34 19.13 -11.12 10.78
CA PHE B 34 18.68 -12.17 9.89
C PHE B 34 19.58 -13.38 9.94
N THR B 35 19.01 -14.53 9.61
CA THR B 35 19.79 -15.76 9.66
C THR B 35 20.55 -15.92 8.36
N ASP B 36 21.33 -17.00 8.24
CA ASP B 36 22.15 -17.28 7.03
C ASP B 36 21.50 -17.59 5.68
N HIS B 37 20.33 -18.22 5.66
CA HIS B 37 19.71 -18.51 4.38
C HIS B 37 18.30 -17.90 4.20
N MET B 38 17.75 -18.08 3.00
CA MET B 38 16.43 -17.57 2.62
C MET B 38 15.92 -18.47 1.52
N LEU B 39 14.60 -18.41 1.30
CA LEU B 39 13.92 -19.18 0.28
C LEU B 39 13.54 -18.18 -0.82
N MET B 40 13.53 -18.66 -2.06
CA MET B 40 13.24 -17.82 -3.21
C MET B 40 12.61 -18.68 -4.28
N VAL B 41 11.48 -18.25 -4.82
CA VAL B 41 10.82 -18.95 -5.92
C VAL B 41 10.35 -17.87 -6.93
N GLU B 42 10.59 -18.10 -8.22
CA GLU B 42 10.16 -17.13 -9.22
C GLU B 42 9.01 -17.63 -10.07
N TRP B 43 8.16 -16.71 -10.52
CA TRP B 43 7.03 -17.07 -11.35
C TRP B 43 7.00 -16.17 -12.60
N ASN B 44 6.68 -16.76 -13.74
CA ASN B 44 6.60 -15.98 -14.95
C ASN B 44 5.73 -16.69 -15.93
N ASP B 45 6.05 -16.46 -17.20
CA ASP B 45 5.33 -17.06 -18.31
C ASP B 45 5.47 -18.57 -18.31
N LYS B 46 6.61 -19.05 -17.82
CA LYS B 46 6.85 -20.49 -17.71
C LYS B 46 6.30 -20.97 -16.34
N GLY B 47 5.46 -20.17 -15.70
CA GLY B 47 4.90 -20.57 -14.41
C GLY B 47 5.90 -20.53 -13.28
N TRP B 48 5.68 -21.37 -12.28
CA TRP B 48 6.60 -21.36 -11.15
C TRP B 48 7.93 -22.04 -11.48
N GLY B 49 9.03 -21.41 -11.08
CA GLY B 49 10.34 -22.02 -11.26
C GLY B 49 10.58 -22.91 -10.05
N GLN B 50 11.80 -23.40 -9.87
CA GLN B 50 12.08 -24.26 -8.74
C GLN B 50 12.48 -23.53 -7.46
N PRO B 51 12.01 -24.02 -6.30
CA PRO B 51 12.33 -23.39 -5.00
C PRO B 51 13.84 -23.61 -4.81
N ARG B 52 14.39 -23.54 -3.59
N ARG B 52 14.15 -22.43 -4.21
CA ARG B 52 15.82 -24.02 -3.38
CA ARG B 52 15.42 -21.83 -3.82
C ARG B 52 16.41 -23.65 -2.03
C ARG B 52 15.86 -21.55 -2.37
N ILE B 53 16.74 -22.39 -1.79
CA ILE B 53 17.28 -22.04 -0.46
C ILE B 53 18.70 -21.57 -0.77
N GLN B 54 18.93 -20.27 -0.60
CA GLN B 54 20.22 -19.69 -0.91
C GLN B 54 20.71 -18.81 0.20
N PRO B 55 21.99 -18.44 0.13
CA PRO B 55 22.53 -17.57 1.15
C PRO B 55 21.68 -16.28 1.23
N PHE B 56 21.60 -15.67 2.41
CA PHE B 56 20.84 -14.45 2.56
C PHE B 56 21.52 -13.46 1.61
N GLN B 57 20.77 -12.86 0.69
CA GLN B 57 21.38 -11.91 -0.26
C GLN B 57 20.35 -10.90 -0.80
N ASN B 58 20.84 -9.79 -1.35
CA ASN B 58 20.00 -8.73 -1.86
C ASN B 58 19.18 -9.15 -3.04
N LEU B 59 18.04 -8.48 -3.22
CA LEU B 59 17.17 -8.73 -4.36
C LEU B 59 17.63 -7.77 -5.49
N THR B 60 17.45 -8.22 -6.71
CA THR B 60 17.75 -7.48 -7.93
C THR B 60 16.42 -7.27 -8.66
N LEU B 61 15.94 -6.02 -8.67
CA LEU B 61 14.67 -5.69 -9.31
C LEU B 61 14.77 -4.61 -10.39
N HIS B 62 14.02 -4.81 -11.44
CA HIS B 62 13.91 -3.87 -12.53
C HIS B 62 13.27 -2.62 -11.90
N PRO B 63 13.74 -1.41 -12.27
CA PRO B 63 13.27 -0.12 -11.77
C PRO B 63 11.77 0.11 -11.87
N ALA B 64 11.13 -0.55 -12.82
CA ALA B 64 9.68 -0.41 -13.00
C ALA B 64 8.86 -1.52 -12.31
N SER B 65 9.51 -2.36 -11.52
CA SER B 65 8.82 -3.47 -10.87
C SER B 65 7.50 -3.03 -10.21
N SER B 66 6.37 -3.66 -10.57
CA SER B 66 5.10 -3.28 -9.97
C SER B 66 5.11 -3.36 -8.45
N SER B 67 6.01 -4.16 -7.86
CA SER B 67 6.10 -4.23 -6.40
C SER B 67 6.45 -2.85 -5.77
N LEU B 68 7.18 -2.01 -6.51
CA LEU B 68 7.58 -0.68 -6.00
C LEU B 68 6.73 0.50 -6.49
N HIS B 69 6.02 0.31 -7.59
CA HIS B 69 5.19 1.39 -8.11
C HIS B 69 3.74 1.29 -7.68
N TYR B 70 3.22 0.05 -7.69
CA TYR B 70 1.81 -0.13 -7.31
C TYR B 70 1.48 -1.06 -6.16
N SER B 71 2.44 -1.17 -5.24
CA SER B 71 2.31 -1.95 -4.02
C SER B 71 1.76 -3.36 -4.28
N LEU B 72 2.27 -4.03 -5.30
CA LEU B 72 1.79 -5.41 -5.54
C LEU B 72 2.70 -6.22 -4.63
N GLN B 73 2.32 -6.26 -3.36
CA GLN B 73 3.13 -6.92 -2.36
C GLN B 73 2.23 -7.32 -1.19
N LEU B 74 2.55 -8.48 -0.60
CA LEU B 74 1.86 -9.00 0.58
C LEU B 74 2.87 -9.86 1.39
N PHE B 75 2.58 -10.10 2.66
CA PHE B 75 3.51 -10.82 3.49
C PHE B 75 2.82 -11.58 4.59
N GLU B 76 3.59 -12.39 5.31
CA GLU B 76 3.05 -13.10 6.45
C GLU B 76 4.01 -12.99 7.59
N GLY B 77 3.53 -13.41 8.76
CA GLY B 77 4.37 -13.38 9.93
C GLY B 77 3.91 -14.53 10.81
N MET B 78 4.84 -15.40 11.14
CA MET B 78 4.56 -16.55 12.02
C MET B 78 5.81 -16.93 12.78
N LYS B 79 5.67 -17.79 13.79
CA LYS B 79 6.80 -18.12 14.61
C LYS B 79 7.11 -19.62 14.78
N ALA B 80 8.41 -19.92 14.94
CA ALA B 80 8.89 -21.28 15.19
C ALA B 80 9.47 -21.17 16.59
N PHE B 81 9.16 -22.17 17.43
CA PHE B 81 9.62 -22.23 18.82
C PHE B 81 10.42 -23.51 19.02
N LYS B 82 11.47 -23.41 19.82
CA LYS B 82 12.37 -24.57 20.09
C LYS B 82 12.26 -24.91 21.56
N GLY B 83 11.64 -26.06 21.84
CA GLY B 83 11.39 -26.46 23.22
C GLY B 83 12.15 -27.60 23.88
N LYS B 84 11.71 -28.85 23.67
CA LYS B 84 12.31 -30.12 24.23
C LYS B 84 13.81 -30.12 23.95
N ASP B 85 14.29 -28.91 23.73
CA ASP B 85 15.62 -28.60 23.39
C ASP B 85 16.03 -29.20 22.08
N GLN B 86 16.19 -28.25 21.15
CA GLN B 86 16.56 -28.44 19.78
C GLN B 86 15.37 -28.92 18.95
N GLN B 87 14.25 -29.28 19.59
CA GLN B 87 13.10 -29.64 18.76
C GLN B 87 12.29 -28.35 18.47
N VAL B 88 12.15 -28.08 17.18
CA VAL B 88 11.51 -26.86 16.69
C VAL B 88 10.11 -27.11 16.13
N ARG B 89 9.17 -26.25 16.51
CA ARG B 89 7.80 -26.39 16.03
C ARG B 89 7.17 -25.05 15.59
N LEU B 90 6.43 -25.11 14.49
CA LEU B 90 5.72 -23.95 13.93
C LEU B 90 4.30 -23.89 14.52
N PHE B 91 3.89 -22.72 14.99
CA PHE B 91 2.53 -22.57 15.54
C PHE B 91 1.50 -22.30 14.43
N ARG B 92 0.52 -23.22 14.30
CA ARG B 92 -0.59 -23.16 13.34
C ARG B 92 -0.25 -22.54 11.99
N PRO B 93 0.87 -22.96 11.37
CA PRO B 93 1.32 -22.42 10.08
C PRO B 93 0.30 -22.45 8.94
N TRP B 94 -0.57 -23.44 8.97
CA TRP B 94 -1.58 -23.59 7.95
C TRP B 94 -2.47 -22.36 7.84
N LEU B 95 -2.81 -21.73 8.96
CA LEU B 95 -3.66 -20.53 8.90
C LEU B 95 -2.91 -19.37 8.19
N ASN B 96 -1.63 -19.25 8.44
CA ASN B 96 -0.86 -18.22 7.74
C ASN B 96 -0.81 -18.55 6.25
N MET B 97 -0.76 -19.84 5.89
CA MET B 97 -0.68 -20.18 4.49
C MET B 97 -2.02 -19.84 3.83
N ASP B 98 -3.13 -20.13 4.54
CA ASP B 98 -4.46 -19.84 4.03
C ASP B 98 -4.62 -18.30 3.79
N ARG B 99 -4.15 -17.52 4.75
CA ARG B 99 -4.26 -16.05 4.72
C ARG B 99 -3.39 -15.49 3.58
N MET B 100 -2.20 -16.04 3.41
CA MET B 100 -1.29 -15.60 2.38
C MET B 100 -1.89 -15.83 0.99
N LEU B 101 -2.55 -16.96 0.81
CA LEU B 101 -3.16 -17.29 -0.48
C LEU B 101 -4.34 -16.34 -0.75
N ARG B 102 -5.10 -16.03 0.29
CA ARG B 102 -6.21 -15.11 0.10
C ARG B 102 -5.66 -13.70 -0.29
N SER B 103 -4.56 -13.27 0.34
CA SER B 103 -3.95 -11.97 0.03
C SER B 103 -3.48 -11.99 -1.45
N ALA B 104 -2.90 -13.11 -1.87
CA ALA B 104 -2.42 -13.28 -3.25
C ALA B 104 -3.54 -13.12 -4.27
N MET B 105 -4.69 -13.74 -4.00
CA MET B 105 -5.78 -13.64 -4.98
C MET B 105 -6.33 -12.21 -5.01
N ARG B 106 -6.33 -11.53 -3.87
CA ARG B 106 -6.87 -10.17 -3.83
C ARG B 106 -6.00 -9.24 -4.69
N LEU B 107 -4.71 -9.53 -4.78
CA LEU B 107 -3.78 -8.70 -5.55
C LEU B 107 -3.43 -9.30 -6.92
N CYS B 108 -4.24 -10.25 -7.35
CA CYS B 108 -4.00 -10.92 -8.63
C CYS B 108 -2.57 -11.43 -8.76
N LEU B 109 -2.05 -12.03 -7.69
CA LEU B 109 -0.71 -12.60 -7.72
C LEU B 109 -0.88 -14.10 -7.92
N PRO B 110 0.17 -14.76 -8.41
CA PRO B 110 -0.01 -16.20 -8.61
C PRO B 110 -0.35 -17.08 -7.42
N SER B 111 -1.27 -18.00 -7.65
CA SER B 111 -1.61 -18.96 -6.62
C SER B 111 -0.44 -19.94 -6.48
N PHE B 112 -0.43 -20.68 -5.38
CA PHE B 112 0.60 -21.69 -5.12
C PHE B 112 -0.03 -22.70 -4.12
N ASP B 113 0.60 -23.86 -3.97
CA ASP B 113 0.09 -24.90 -3.08
C ASP B 113 0.57 -24.64 -1.67
N LYS B 114 -0.39 -24.42 -0.77
CA LYS B 114 -0.05 -24.13 0.61
C LYS B 114 0.88 -25.13 1.30
N LEU B 115 0.68 -26.42 1.05
CA LEU B 115 1.54 -27.42 1.70
C LEU B 115 2.97 -27.46 1.14
N GLU B 116 3.13 -27.10 -0.13
CA GLU B 116 4.47 -27.10 -0.73
C GLU B 116 5.22 -25.95 -0.11
N LEU B 117 4.57 -24.78 -0.03
CA LEU B 117 5.26 -23.67 0.56
C LEU B 117 5.60 -24.02 2.00
N LEU B 118 4.66 -24.65 2.69
CA LEU B 118 4.95 -24.99 4.08
C LEU B 118 6.13 -25.94 4.20
N GLU B 119 6.21 -26.91 3.30
CA GLU B 119 7.35 -27.85 3.37
C GLU B 119 8.67 -27.12 3.05
N CYS B 120 8.67 -26.22 2.05
CA CYS B 120 9.92 -25.48 1.77
C CYS B 120 10.31 -24.59 2.95
N ILE B 121 9.31 -24.06 3.66
CA ILE B 121 9.62 -23.23 4.81
C ILE B 121 10.19 -24.17 5.88
N ARG B 122 9.63 -25.36 5.95
CA ARG B 122 10.12 -26.34 6.92
C ARG B 122 11.60 -26.63 6.59
N ARG B 123 11.89 -26.88 5.32
CA ARG B 123 13.26 -27.18 4.92
C ARG B 123 14.21 -26.05 5.21
N LEU B 124 13.74 -24.82 4.99
CA LEU B 124 14.58 -23.67 5.25
C LEU B 124 14.87 -23.57 6.72
N ILE B 125 13.81 -23.59 7.53
CA ILE B 125 14.04 -23.46 8.97
C ILE B 125 14.96 -24.57 9.50
N GLU B 126 14.96 -25.70 8.83
CA GLU B 126 15.79 -26.82 9.26
C GLU B 126 17.28 -26.46 9.12
N VAL B 127 17.59 -25.89 7.97
CA VAL B 127 18.95 -25.47 7.71
C VAL B 127 19.41 -24.47 8.79
N ASP B 128 18.54 -23.55 9.20
CA ASP B 128 18.96 -22.57 10.21
C ASP B 128 18.48 -22.89 11.63
N LYS B 129 18.29 -24.19 11.93
CA LYS B 129 17.85 -24.59 13.26
C LYS B 129 18.60 -23.88 14.39
N ASP B 130 19.92 -23.73 14.26
CA ASP B 130 20.70 -23.12 15.33
C ASP B 130 20.43 -21.66 15.54
N TRP B 131 19.77 -21.04 14.56
CA TRP B 131 19.42 -19.65 14.72
C TRP B 131 18.22 -19.54 15.65
N VAL B 132 17.43 -20.61 15.75
CA VAL B 132 16.23 -20.61 16.62
C VAL B 132 16.72 -20.64 18.07
N PRO B 133 16.47 -19.56 18.83
CA PRO B 133 16.89 -19.44 20.23
C PRO B 133 16.05 -20.42 21.07
N ASP B 134 16.45 -20.65 22.33
CA ASP B 134 15.71 -21.56 23.21
C ASP B 134 15.54 -20.98 24.60
N ALA B 135 15.98 -19.73 24.77
CA ALA B 135 15.83 -19.07 26.05
C ALA B 135 14.33 -18.79 26.22
N ALA B 136 13.90 -18.58 27.45
CA ALA B 136 12.50 -18.28 27.72
C ALA B 136 11.94 -17.13 26.83
N GLY B 137 10.73 -17.34 26.31
CA GLY B 137 10.06 -16.32 25.51
C GLY B 137 10.71 -15.83 24.24
N THR B 138 11.64 -16.61 23.69
CA THR B 138 12.31 -16.24 22.46
C THR B 138 11.82 -17.20 21.38
N SER B 139 12.05 -16.84 20.12
CA SER B 139 11.60 -17.66 18.99
C SER B 139 12.25 -17.19 17.69
N LEU B 140 11.88 -17.85 16.60
CA LEU B 140 12.36 -17.53 15.26
C LEU B 140 11.16 -17.01 14.46
N TYR B 141 11.24 -15.75 14.04
CA TYR B 141 10.17 -15.12 13.27
C TYR B 141 10.40 -15.49 11.82
N VAL B 142 9.33 -15.88 11.15
CA VAL B 142 9.36 -16.30 9.76
C VAL B 142 8.57 -15.27 8.95
N ARG B 143 9.23 -14.72 7.94
CA ARG B 143 8.61 -13.67 7.08
C ARG B 143 8.56 -14.01 5.60
N PRO B 144 7.46 -14.64 5.14
CA PRO B 144 7.26 -15.01 3.75
C PRO B 144 6.73 -13.73 3.11
N VAL B 145 7.04 -13.54 1.84
CA VAL B 145 6.65 -12.36 1.09
C VAL B 145 6.38 -12.77 -0.34
N LEU B 146 5.39 -12.13 -0.98
CA LEU B 146 5.12 -12.40 -2.39
C LEU B 146 4.94 -11.03 -3.02
N ILE B 147 5.70 -10.77 -4.08
CA ILE B 147 5.58 -9.49 -4.78
C ILE B 147 5.43 -9.59 -6.29
N GLY B 148 4.72 -8.61 -6.84
CA GLY B 148 4.50 -8.55 -8.28
C GLY B 148 5.87 -8.12 -8.77
N ASN B 149 6.20 -8.41 -10.03
CA ASN B 149 7.52 -8.05 -10.49
C ASN B 149 7.58 -7.84 -12.01
N GLU B 150 6.56 -7.15 -12.50
CA GLU B 150 6.39 -6.79 -13.90
C GLU B 150 7.28 -5.57 -14.15
N PRO B 151 8.14 -5.62 -15.19
CA PRO B 151 9.00 -4.46 -15.48
C PRO B 151 8.13 -3.60 -16.42
N SER B 152 6.99 -3.13 -15.92
CA SER B 152 6.05 -2.36 -16.71
C SER B 152 5.31 -1.36 -15.82
N LEU B 153 5.07 -0.15 -16.34
CA LEU B 153 4.36 0.89 -15.60
C LEU B 153 2.84 0.79 -15.69
N GLY B 154 2.30 -0.13 -16.50
CA GLY B 154 0.86 -0.22 -16.56
C GLY B 154 0.32 -0.80 -15.25
N VAL B 155 -0.77 -0.26 -14.71
CA VAL B 155 -1.34 -0.82 -13.49
C VAL B 155 -2.06 -2.08 -13.95
N SER B 156 -1.49 -3.27 -13.73
CA SER B 156 -2.19 -4.48 -14.18
C SER B 156 -1.72 -5.81 -13.53
N GLN B 157 -2.39 -6.90 -13.85
CA GLN B 157 -2.00 -8.21 -13.31
C GLN B 157 -0.59 -8.54 -13.80
N PRO B 158 0.38 -8.70 -12.87
CA PRO B 158 1.75 -9.00 -13.27
C PRO B 158 1.86 -10.36 -13.96
N ARG B 159 2.85 -10.47 -14.84
CA ARG B 159 3.11 -11.69 -15.59
C ARG B 159 4.41 -12.27 -15.07
N ARG B 160 4.90 -11.67 -14.00
CA ARG B 160 6.11 -12.12 -13.35
C ARG B 160 5.89 -11.75 -11.87
N ALA B 161 6.42 -12.59 -10.97
CA ALA B 161 6.29 -12.40 -9.51
C ALA B 161 7.46 -13.12 -8.82
N LEU B 162 7.68 -12.80 -7.56
CA LEU B 162 8.73 -13.43 -6.78
C LEU B 162 8.25 -13.71 -5.36
N LEU B 163 8.56 -14.91 -4.87
CA LEU B 163 8.18 -15.32 -3.53
C LEU B 163 9.45 -15.60 -2.73
N PHE B 164 9.55 -15.05 -1.54
CA PHE B 164 10.73 -15.31 -0.77
C PHE B 164 10.41 -15.36 0.69
N VAL B 165 11.32 -15.98 1.45
CA VAL B 165 11.17 -16.08 2.87
C VAL B 165 12.44 -15.79 3.60
N ILE B 166 12.40 -14.93 4.60
CA ILE B 166 13.55 -14.63 5.40
C ILE B 166 13.22 -14.88 6.89
N LEU B 167 14.25 -15.13 7.72
CA LEU B 167 14.06 -15.45 9.14
C LEU B 167 14.81 -14.56 10.11
N CYS B 168 14.17 -14.19 11.22
CA CYS B 168 14.79 -13.36 12.25
C CYS B 168 14.69 -13.99 13.65
N PRO B 169 15.82 -14.10 14.37
CA PRO B 169 15.72 -14.68 15.72
C PRO B 169 15.10 -13.57 16.57
N VAL B 170 14.13 -13.89 17.41
CA VAL B 170 13.53 -12.84 18.22
C VAL B 170 13.73 -13.05 19.71
N GLY B 171 13.88 -11.95 20.43
CA GLY B 171 14.03 -12.02 21.85
C GLY B 171 12.66 -12.12 22.50
N ALA B 172 12.66 -12.24 23.82
CA ALA B 172 11.42 -12.29 24.57
C ALA B 172 10.78 -10.90 24.37
N TYR B 173 9.55 -10.86 23.86
CA TYR B 173 8.88 -9.56 23.64
C TYR B 173 8.83 -8.79 24.96
N PHE B 174 8.66 -9.51 26.09
CA PHE B 174 8.65 -8.90 27.42
C PHE B 174 9.98 -9.25 28.09
N PRO B 175 10.80 -8.23 28.46
CA PRO B 175 12.13 -8.32 29.11
C PRO B 175 12.42 -9.62 29.88
N GLY B 176 11.47 -10.04 30.70
CA GLY B 176 11.63 -11.27 31.45
C GLY B 176 10.35 -11.53 32.22
N GLY B 177 9.45 -12.34 31.66
CA GLY B 177 8.18 -12.63 32.33
C GLY B 177 7.44 -11.35 32.69
N SER B 178 8.15 -10.22 32.57
CA SER B 178 7.66 -8.89 32.89
C SER B 178 6.37 -8.36 32.24
N VAL B 179 5.53 -9.25 31.69
CA VAL B 179 4.25 -8.84 31.05
C VAL B 179 3.87 -7.45 31.56
N THR B 180 4.15 -6.43 30.74
CA THR B 180 3.90 -5.02 31.04
C THR B 180 2.84 -4.48 30.08
N PRO B 181 1.90 -3.71 30.62
CA PRO B 181 0.81 -3.13 29.83
C PRO B 181 1.25 -1.98 28.92
N VAL B 182 0.39 -1.66 27.95
CA VAL B 182 0.70 -0.58 27.02
C VAL B 182 -0.41 0.43 27.02
N SER B 183 -0.07 1.64 26.61
CA SER B 183 -1.07 2.72 26.54
C SER B 183 -1.39 2.89 25.05
N LEU B 184 -2.63 3.22 24.75
CA LEU B 184 -3.09 3.35 23.37
C LEU B 184 -3.67 4.69 23.07
N LEU B 185 -3.37 5.21 21.89
CA LEU B 185 -3.98 6.46 21.49
C LEU B 185 -5.22 6.08 20.64
N ALA B 186 -6.36 6.60 21.02
CA ALA B 186 -7.61 6.31 20.32
C ALA B 186 -8.20 7.62 19.80
N ASP B 187 -7.82 7.99 18.59
CA ASP B 187 -8.27 9.21 17.92
C ASP B 187 -9.02 8.90 16.59
N PRO B 188 -10.29 9.29 16.51
CA PRO B 188 -11.16 9.08 15.34
C PRO B 188 -10.62 9.66 14.02
N ALA B 189 -9.72 10.63 14.08
CA ALA B 189 -9.15 11.21 12.84
C ALA B 189 -8.36 10.21 11.97
N PHE B 190 -7.83 9.17 12.64
CA PHE B 190 -7.04 8.10 12.03
C PHE B 190 -7.87 6.88 11.59
N ILE B 191 -7.78 6.55 10.32
CA ILE B 191 -8.57 5.43 9.79
C ILE B 191 -7.75 4.39 9.04
N ARG B 192 -7.44 3.28 9.70
CA ARG B 192 -6.65 2.19 9.13
C ARG B 192 -7.23 1.47 7.89
N ALA B 193 -8.54 1.25 7.87
CA ALA B 193 -9.16 0.52 6.77
C ALA B 193 -10.66 0.84 6.71
N TRP B 194 -11.29 0.48 5.60
CA TRP B 194 -12.68 0.77 5.35
C TRP B 194 -13.50 -0.46 4.88
N VAL B 195 -14.80 -0.50 5.17
CA VAL B 195 -15.68 -1.63 4.69
C VAL B 195 -15.55 -1.63 3.15
N GLY B 196 -15.32 -2.79 2.56
CA GLY B 196 -15.18 -2.83 1.11
C GLY B 196 -13.72 -2.64 0.72
N GLY B 197 -12.88 -2.42 1.75
CA GLY B 197 -11.46 -2.16 1.57
C GLY B 197 -10.59 -3.39 1.65
N VAL B 198 -9.32 -3.26 2.05
CA VAL B 198 -8.47 -4.47 2.10
C VAL B 198 -7.81 -4.70 3.46
N GLY B 199 -8.49 -4.21 4.51
CA GLY B 199 -8.00 -4.36 5.87
C GLY B 199 -7.92 -5.82 6.33
N ASN B 200 -8.71 -6.69 5.70
CA ASN B 200 -8.67 -8.10 6.08
C ASN B 200 -7.66 -8.93 5.34
N TYR B 201 -6.69 -8.30 4.68
CA TYR B 201 -5.63 -9.02 3.96
C TYR B 201 -4.34 -8.43 4.47
N LYS B 202 -3.27 -9.23 4.47
CA LYS B 202 -1.97 -8.75 4.95
C LYS B 202 -1.13 -8.15 3.82
N LEU B 203 -1.58 -6.99 3.36
CA LEU B 203 -0.93 -6.29 2.26
C LEU B 203 -0.06 -5.20 2.77
N GLY B 204 1.13 -5.04 2.19
CA GLY B 204 2.03 -3.98 2.63
C GLY B 204 1.33 -2.62 2.65
N GLY B 205 0.45 -2.39 1.65
CA GLY B 205 -0.29 -1.13 1.55
C GLY B 205 -1.02 -0.68 2.82
N ASN B 206 -1.50 -1.65 3.58
CA ASN B 206 -2.16 -1.32 4.87
C ASN B 206 -1.24 -0.72 5.97
N TYR B 207 0.07 -0.95 5.85
CA TYR B 207 1.00 -0.52 6.91
C TYR B 207 1.73 0.83 6.77
N GLY B 208 2.25 1.09 5.59
CA GLY B 208 2.94 2.36 5.36
C GLY B 208 2.19 3.58 5.85
N PRO B 209 0.87 3.74 5.61
CA PRO B 209 0.22 4.96 6.13
C PRO B 209 0.15 5.00 7.66
N THR B 210 0.50 3.90 8.34
CA THR B 210 0.40 3.93 9.82
C THR B 210 1.63 4.49 10.53
N VAL B 211 2.74 4.60 9.80
CA VAL B 211 3.99 5.08 10.43
C VAL B 211 3.80 6.47 11.05
N LEU B 212 3.25 7.40 10.28
CA LEU B 212 3.01 8.76 10.77
C LEU B 212 2.08 8.77 12.00
N VAL B 213 1.06 7.92 11.96
CA VAL B 213 0.12 7.85 13.07
C VAL B 213 0.78 7.29 14.31
N GLN B 214 1.60 6.28 14.14
CA GLN B 214 2.29 5.72 15.30
C GLN B 214 3.20 6.82 15.88
N GLN B 215 3.90 7.56 15.05
CA GLN B 215 4.77 8.64 15.56
C GLN B 215 3.94 9.62 16.37
N GLU B 216 2.74 9.91 15.91
CA GLU B 216 1.86 10.81 16.65
C GLU B 216 1.49 10.25 18.03
N ALA B 217 1.21 8.95 18.10
CA ALA B 217 0.87 8.31 19.35
C ALA B 217 2.02 8.50 20.36
N LEU B 218 3.25 8.34 19.89
CA LEU B 218 4.39 8.55 20.81
C LEU B 218 4.46 10.00 21.25
N LYS B 219 4.38 10.91 20.30
CA LYS B 219 4.44 12.31 20.66
C LYS B 219 3.32 12.65 21.68
N ARG B 220 2.18 11.93 21.63
CA ARG B 220 1.10 12.22 22.58
C ARG B 220 1.16 11.39 23.88
N GLY B 221 2.28 10.69 24.09
CA GLY B 221 2.41 9.90 25.31
C GLY B 221 1.95 8.46 25.33
N CYS B 222 1.55 7.88 24.18
CA CYS B 222 1.08 6.47 24.15
C CYS B 222 2.06 5.57 23.41
N GLU B 223 1.93 4.26 23.57
CA GLU B 223 2.85 3.33 22.92
C GLU B 223 2.35 2.77 21.60
N GLN B 224 1.03 2.65 21.47
CA GLN B 224 0.43 2.12 20.24
C GLN B 224 -0.89 2.81 19.92
N VAL B 225 -1.38 2.51 18.72
CA VAL B 225 -2.61 3.11 18.24
C VAL B 225 -3.81 2.13 18.32
N LEU B 226 -4.92 2.61 18.89
CA LEU B 226 -6.17 1.86 18.96
C LEU B 226 -6.95 2.48 17.80
N TRP B 227 -7.12 1.70 16.73
CA TRP B 227 -7.81 2.15 15.54
C TRP B 227 -9.33 2.15 15.72
N LEU B 228 -9.96 3.32 15.56
CA LEU B 228 -11.40 3.41 15.64
C LEU B 228 -12.02 3.50 14.22
N TYR B 229 -13.28 3.09 14.09
CA TYR B 229 -13.96 3.12 12.80
C TYR B 229 -15.41 3.52 13.00
N GLY B 230 -15.96 4.29 12.05
CA GLY B 230 -17.37 4.65 12.13
C GLY B 230 -17.72 5.86 12.99
N PRO B 231 -18.95 6.41 12.84
CA PRO B 231 -19.43 7.58 13.59
C PRO B 231 -19.53 7.08 15.03
N ASP B 232 -19.76 5.78 15.08
CA ASP B 232 -19.94 4.92 16.25
C ASP B 232 -18.64 4.78 17.10
N HIS B 233 -17.53 5.11 16.47
CA HIS B 233 -16.22 4.96 17.08
C HIS B 233 -16.05 3.56 17.59
N GLN B 234 -16.16 2.56 16.73
CA GLN B 234 -15.96 1.24 17.25
C GLN B 234 -14.48 0.92 17.27
N LEU B 235 -14.12 0.02 18.20
CA LEU B 235 -12.75 -0.41 18.36
C LEU B 235 -12.46 -1.56 17.37
N THR B 236 -11.53 -1.37 16.46
CA THR B 236 -11.22 -2.38 15.48
C THR B 236 -10.04 -3.27 15.86
N GLU B 237 -8.84 -2.70 15.89
CA GLU B 237 -7.64 -3.44 16.29
C GLU B 237 -6.63 -2.42 16.86
N VAL B 238 -5.63 -2.90 17.57
CA VAL B 238 -4.66 -2.04 18.22
C VAL B 238 -3.26 -2.32 17.68
N GLY B 239 -2.69 -1.33 16.99
CA GLY B 239 -1.36 -1.46 16.43
C GLY B 239 -1.40 -2.50 15.34
N THR B 240 -0.71 -3.61 15.59
CA THR B 240 -0.62 -4.76 14.72
C THR B 240 -1.13 -5.94 15.59
N MET B 241 -2.30 -5.73 16.21
CA MET B 241 -2.88 -6.75 17.08
C MET B 241 -4.39 -6.67 17.03
N ASN B 242 -5.04 -7.81 17.26
CA ASN B 242 -6.48 -7.76 17.37
C ASN B 242 -6.71 -7.36 18.85
N ILE B 243 -7.89 -6.84 19.11
CA ILE B 243 -8.24 -6.39 20.43
C ILE B 243 -9.35 -7.23 21.07
N PHE B 244 -9.16 -7.50 22.36
CA PHE B 244 -10.12 -8.25 23.15
C PHE B 244 -10.51 -7.50 24.41
N VAL B 245 -11.78 -7.68 24.79
CA VAL B 245 -12.31 -7.11 26.02
C VAL B 245 -12.98 -8.23 26.90
N TYR B 246 -12.55 -8.33 28.15
CA TYR B 246 -13.09 -9.29 29.13
C TYR B 246 -13.84 -8.42 30.15
N TRP B 247 -15.15 -8.58 30.25
CA TRP B 247 -15.93 -7.71 31.13
C TRP B 247 -17.30 -8.35 31.38
N THR B 248 -18.11 -7.69 32.21
CA THR B 248 -19.45 -8.15 32.50
C THR B 248 -20.26 -7.29 31.58
N HIS B 249 -20.81 -7.90 30.53
CA HIS B 249 -21.58 -7.10 29.59
C HIS B 249 -22.78 -6.48 30.30
N GLU B 250 -23.45 -5.59 29.56
CA GLU B 250 -24.66 -4.90 29.98
C GLU B 250 -25.82 -5.81 30.44
N ASP B 251 -25.82 -7.10 30.07
CA ASP B 251 -26.90 -8.00 30.50
C ASP B 251 -26.50 -8.84 31.71
N GLY B 252 -25.41 -8.43 32.38
CA GLY B 252 -24.96 -9.14 33.56
C GLY B 252 -24.09 -10.35 33.33
N VAL B 253 -23.97 -10.79 32.07
CA VAL B 253 -23.17 -11.98 31.74
C VAL B 253 -21.69 -11.72 31.53
N LEU B 254 -20.86 -12.53 32.18
CA LEU B 254 -19.41 -12.43 32.05
C LEU B 254 -19.02 -12.92 30.64
N GLU B 255 -18.28 -12.10 29.90
CA GLU B 255 -17.88 -12.51 28.55
C GLU B 255 -16.53 -11.99 28.06
N LEU B 256 -15.99 -12.69 27.06
CA LEU B 256 -14.77 -12.28 26.39
C LEU B 256 -15.28 -11.92 24.97
N VAL B 257 -15.21 -10.65 24.60
CA VAL B 257 -15.68 -10.23 23.28
C VAL B 257 -14.50 -9.67 22.46
N THR B 258 -14.64 -9.71 21.15
CA THR B 258 -13.64 -9.22 20.23
C THR B 258 -14.43 -8.82 18.97
N PRO B 259 -13.97 -7.79 18.24
CA PRO B 259 -14.67 -7.36 17.03
C PRO B 259 -14.81 -8.51 16.03
N PRO B 260 -15.94 -8.56 15.30
CA PRO B 260 -16.15 -9.62 14.32
C PRO B 260 -15.42 -9.38 13.01
N LEU B 261 -15.22 -10.45 12.25
CA LEU B 261 -14.54 -10.32 10.96
C LEU B 261 -15.55 -9.71 9.98
N ASN B 262 -15.61 -8.40 9.95
CA ASN B 262 -16.58 -7.72 9.09
C ASN B 262 -15.91 -7.19 7.83
N GLY B 263 -14.61 -7.48 7.67
CA GLY B 263 -13.92 -7.03 6.47
C GLY B 263 -12.94 -5.92 6.79
N VAL B 264 -13.11 -5.24 7.92
CA VAL B 264 -12.16 -4.20 8.24
C VAL B 264 -10.96 -4.66 9.10
N ILE B 265 -11.09 -5.75 9.84
CA ILE B 265 -9.99 -6.18 10.68
C ILE B 265 -9.35 -7.44 10.09
N LEU B 266 -8.07 -7.66 10.43
CA LEU B 266 -7.24 -8.79 9.99
C LEU B 266 -7.57 -10.03 10.84
N PRO B 267 -7.85 -11.18 10.19
CA PRO B 267 -8.16 -12.41 10.92
C PRO B 267 -6.90 -12.98 11.57
N GLY B 268 -6.51 -12.42 12.73
CA GLY B 268 -5.31 -12.86 13.42
C GLY B 268 -5.34 -14.32 13.84
N VAL B 269 -4.20 -14.98 13.69
CA VAL B 269 -4.07 -16.37 14.06
C VAL B 269 -4.16 -16.49 15.58
N VAL B 270 -3.49 -15.60 16.31
CA VAL B 270 -3.57 -15.67 17.77
C VAL B 270 -5.00 -15.40 18.21
N ARG B 271 -5.65 -14.45 17.53
CA ARG B 271 -7.06 -14.09 17.81
C ARG B 271 -7.96 -15.33 17.73
N GLN B 272 -7.79 -16.08 16.64
CA GLN B 272 -8.59 -17.25 16.45
C GLN B 272 -8.28 -18.32 17.53
N SER B 273 -7.01 -18.42 17.90
CA SER B 273 -6.59 -19.39 18.92
C SER B 273 -7.17 -19.06 20.29
N LEU B 274 -7.24 -17.78 20.64
CA LEU B 274 -7.79 -17.39 21.94
C LEU B 274 -9.30 -17.68 21.95
N LEU B 275 -9.99 -17.36 20.86
CA LEU B 275 -11.40 -17.66 20.75
C LEU B 275 -11.62 -19.19 20.91
N ASP B 276 -10.87 -20.00 20.14
CA ASP B 276 -10.97 -21.46 20.17
C ASP B 276 -10.79 -22.00 21.59
N MET B 277 -9.73 -21.54 22.23
CA MET B 277 -9.34 -21.92 23.56
C MET B 277 -10.40 -21.55 24.59
N ALA B 278 -10.88 -20.32 24.53
CA ALA B 278 -11.88 -19.90 25.50
C ALA B 278 -13.20 -20.65 25.26
N GLN B 279 -13.53 -20.92 24.00
CA GLN B 279 -14.80 -21.60 23.73
C GLN B 279 -14.67 -22.98 24.35
N THR B 280 -13.54 -23.61 24.08
CA THR B 280 -13.29 -24.93 24.64
C THR B 280 -13.52 -25.02 26.16
N TRP B 281 -12.98 -24.07 26.91
CA TRP B 281 -13.19 -24.08 28.37
C TRP B 281 -14.65 -24.08 28.78
N GLY B 282 -15.46 -23.28 28.09
CA GLY B 282 -16.87 -23.24 28.40
C GLY B 282 -17.17 -22.62 29.76
N GLU B 283 -16.29 -21.76 30.24
CA GLU B 283 -16.53 -21.14 31.53
C GLU B 283 -17.27 -19.82 31.47
N PHE B 284 -17.27 -19.20 30.29
CA PHE B 284 -17.98 -17.95 30.09
C PHE B 284 -18.30 -17.75 28.61
N ARG B 285 -19.21 -16.81 28.35
CA ARG B 285 -19.62 -16.53 27.01
C ARG B 285 -18.44 -15.93 26.24
N VAL B 286 -18.25 -16.45 25.02
CA VAL B 286 -17.18 -16.02 24.11
C VAL B 286 -17.93 -15.55 22.87
N VAL B 287 -17.81 -14.29 22.53
CA VAL B 287 -18.56 -13.83 21.39
C VAL B 287 -17.83 -12.80 20.52
N GLU B 288 -18.20 -12.78 19.27
CA GLU B 288 -17.65 -11.85 18.32
C GLU B 288 -18.75 -10.82 18.07
N ARG B 289 -18.50 -9.60 18.50
CA ARG B 289 -19.51 -8.57 18.38
C ARG B 289 -18.81 -7.22 18.40
N THR B 290 -19.48 -6.25 17.78
CA THR B 290 -18.99 -4.87 17.71
C THR B 290 -18.83 -4.24 19.09
N ILE B 291 -17.73 -3.53 19.28
CA ILE B 291 -17.44 -2.86 20.53
C ILE B 291 -17.28 -1.36 20.27
N THR B 292 -18.05 -0.53 20.97
CA THR B 292 -17.94 0.91 20.76
C THR B 292 -17.32 1.62 21.95
N MET B 293 -16.71 2.79 21.70
CA MET B 293 -16.11 3.59 22.76
C MET B 293 -17.17 3.95 23.79
N LYS B 294 -18.38 4.22 23.31
CA LYS B 294 -19.46 4.55 24.24
C LYS B 294 -19.70 3.39 25.18
N GLN B 295 -19.76 2.15 24.66
CA GLN B 295 -19.99 1.00 25.54
C GLN B 295 -18.83 0.80 26.50
N LEU B 296 -17.61 1.09 26.06
CA LEU B 296 -16.43 0.90 26.91
C LEU B 296 -16.47 1.88 28.07
N LEU B 297 -16.78 3.13 27.78
CA LEU B 297 -16.85 4.16 28.82
C LEU B 297 -17.83 3.84 29.95
N ARG B 298 -19.02 3.39 29.60
CA ARG B 298 -20.02 3.02 30.58
C ARG B 298 -19.55 1.86 31.47
N ALA B 299 -19.13 0.79 30.81
CA ALA B 299 -18.67 -0.39 31.54
C ALA B 299 -17.54 -0.03 32.52
N LEU B 300 -16.58 0.78 32.08
CA LEU B 300 -15.46 1.16 32.94
C LEU B 300 -15.89 1.82 34.26
N GLU B 301 -16.91 2.66 34.23
CA GLU B 301 -17.27 3.26 35.48
C GLU B 301 -18.22 2.48 36.34
N GLU B 302 -18.88 1.46 35.78
CA GLU B 302 -19.73 0.65 36.61
C GLU B 302 -18.81 -0.51 37.03
N GLY B 303 -17.50 -0.31 36.79
CA GLY B 303 -16.52 -1.32 37.16
C GLY B 303 -16.77 -2.69 36.57
N ARG B 304 -17.38 -2.71 35.38
CA ARG B 304 -17.68 -3.96 34.70
C ARG B 304 -16.52 -4.51 33.85
N VAL B 305 -15.52 -3.67 33.56
CA VAL B 305 -14.36 -4.09 32.77
C VAL B 305 -13.28 -4.71 33.63
N ARG B 306 -12.91 -5.93 33.28
CA ARG B 306 -11.86 -6.64 33.97
C ARG B 306 -10.50 -6.55 33.29
N GLU B 307 -10.44 -6.96 32.02
CA GLU B 307 -9.18 -6.95 31.28
C GLU B 307 -9.37 -6.60 29.81
N VAL B 308 -8.41 -5.86 29.26
CA VAL B 308 -8.42 -5.46 27.85
C VAL B 308 -7.03 -5.82 27.36
N PHE B 309 -6.93 -6.39 26.17
CA PHE B 309 -5.63 -6.76 25.65
C PHE B 309 -5.64 -6.95 24.15
N GLY B 310 -4.43 -6.95 23.58
CA GLY B 310 -4.26 -7.15 22.16
C GLY B 310 -3.64 -8.51 21.98
N SER B 311 -3.82 -9.09 20.79
CA SER B 311 -3.28 -10.40 20.48
C SER B 311 -2.58 -10.32 19.14
N GLY B 312 -1.47 -11.00 19.00
CA GLY B 312 -0.74 -10.97 17.74
C GLY B 312 0.49 -11.84 17.85
N THR B 313 1.10 -12.19 16.71
CA THR B 313 2.29 -13.06 16.71
C THR B 313 3.47 -12.47 17.48
N ALA B 314 3.67 -11.17 17.37
CA ALA B 314 4.79 -10.53 18.06
C ALA B 314 4.61 -10.58 19.54
N CYS B 315 3.40 -10.21 19.96
CA CYS B 315 3.05 -10.14 21.35
C CYS B 315 1.73 -10.87 21.51
N GLN B 316 1.85 -12.15 21.83
CA GLN B 316 0.73 -13.07 21.97
C GLN B 316 -0.48 -12.48 22.67
N VAL B 317 -0.31 -12.07 23.92
CA VAL B 317 -1.40 -11.51 24.71
C VAL B 317 -0.80 -10.30 25.41
N CYS B 318 -1.23 -9.14 24.97
CA CYS B 318 -0.70 -7.87 25.42
C CYS B 318 -1.62 -6.99 26.26
N PRO B 319 -1.38 -6.91 27.58
CA PRO B 319 -2.21 -6.10 28.47
C PRO B 319 -2.26 -4.62 28.11
N VAL B 320 -3.40 -4.02 28.34
CA VAL B 320 -3.60 -2.60 28.07
C VAL B 320 -4.01 -1.97 29.37
N HIS B 321 -3.36 -0.88 29.73
CA HIS B 321 -3.73 -0.27 30.98
C HIS B 321 -4.27 1.16 30.80
N ARG B 322 -4.08 1.73 29.64
CA ARG B 322 -4.54 3.11 29.44
C ARG B 322 -4.90 3.38 28.00
N ILE B 323 -5.91 4.23 27.81
CA ILE B 323 -6.38 4.58 26.48
C ILE B 323 -6.66 6.07 26.54
N LEU B 324 -6.00 6.83 25.67
CA LEU B 324 -6.21 8.27 25.59
C LEU B 324 -7.23 8.51 24.46
N TYR B 325 -8.44 8.90 24.85
CA TYR B 325 -9.55 9.15 23.92
C TYR B 325 -10.07 10.62 23.97
N LYS B 326 -10.18 11.40 22.90
CA LYS B 326 -10.71 12.80 23.09
C LYS B 326 -10.02 13.50 24.28
N ASP B 327 -8.69 13.55 24.35
CA ASP B 327 -8.01 14.21 25.49
C ASP B 327 -8.04 13.62 27.00
N ARG B 328 -8.98 12.68 26.79
N ARG B 328 -9.09 13.31 27.80
CA ARG B 328 -9.56 11.80 27.65
CA ARG B 328 -8.79 12.67 29.20
C ARG B 328 -8.52 10.63 28.05
C ARG B 328 -8.99 11.07 29.44
N ASN B 329 -7.81 10.55 29.28
CA ASN B 329 -7.02 9.35 29.53
C ASN B 329 -8.00 8.46 30.31
N LEU B 330 -8.18 7.23 29.85
CA LEU B 330 -9.04 6.27 30.49
C LEU B 330 -8.14 5.24 31.14
N HIS B 331 -8.31 5.04 32.46
CA HIS B 331 -7.49 4.03 33.11
C HIS B 331 -8.17 2.68 32.85
N ILE B 332 -7.39 1.70 32.42
CA ILE B 332 -7.96 0.37 32.19
C ILE B 332 -7.45 -0.56 33.30
N PRO B 333 -8.36 -1.01 34.17
CA PRO B 333 -8.11 -1.90 35.31
C PRO B 333 -7.50 -3.28 35.03
N THR B 334 -7.04 -3.50 33.80
CA THR B 334 -6.46 -4.81 33.47
C THR B 334 -5.53 -5.41 34.52
N MET B 335 -4.40 -4.75 34.78
CA MET B 335 -3.42 -5.25 35.75
C MET B 335 -3.94 -5.46 37.20
N GLU B 336 -4.92 -4.67 37.67
CA GLU B 336 -5.41 -4.89 39.02
C GLU B 336 -6.30 -6.12 39.11
N ASN B 337 -6.47 -6.79 37.98
CA ASN B 337 -7.22 -8.02 37.94
C ASN B 337 -6.17 -9.07 37.68
N GLY B 338 -4.92 -8.66 37.92
CA GLY B 338 -3.70 -9.47 37.74
C GLY B 338 -3.76 -10.24 36.47
N PRO B 339 -4.20 -9.62 35.35
CA PRO B 339 -4.33 -10.30 34.08
C PRO B 339 -4.51 -11.78 34.31
N GLU B 340 -5.54 -12.14 35.10
CA GLU B 340 -5.81 -13.55 35.39
C GLU B 340 -6.03 -14.28 34.06
N LEU B 341 -6.97 -13.80 33.24
CA LEU B 341 -7.27 -14.40 31.93
C LEU B 341 -6.09 -14.29 31.00
N ILE B 342 -5.46 -13.12 31.02
CA ILE B 342 -4.29 -12.90 30.19
C ILE B 342 -3.22 -13.89 30.59
N LEU B 343 -3.01 -14.02 31.89
CA LEU B 343 -2.00 -14.94 32.39
C LEU B 343 -2.32 -16.36 32.03
N ARG B 344 -3.59 -16.73 32.14
CA ARG B 344 -3.98 -18.11 31.79
C ARG B 344 -3.71 -18.39 30.30
N PHE B 345 -4.11 -17.45 29.43
CA PHE B 345 -3.91 -17.60 28.00
C PHE B 345 -2.41 -17.76 27.73
N GLN B 346 -1.60 -16.88 28.30
CA GLN B 346 -0.15 -16.98 28.09
C GLN B 346 0.41 -18.35 28.47
N LYS B 347 0.02 -18.85 29.65
CA LYS B 347 0.50 -20.15 30.10
C LYS B 347 0.11 -21.26 29.13
N GLU B 348 -1.18 -21.32 28.74
CA GLU B 348 -1.60 -22.36 27.81
C GLU B 348 -0.81 -22.33 26.51
N LEU B 349 -0.63 -21.12 25.96
CA LEU B 349 0.11 -20.99 24.70
C LEU B 349 1.56 -21.41 24.84
N LYS B 350 2.21 -20.99 25.92
CA LYS B 350 3.59 -21.37 26.16
C LYS B 350 3.70 -22.91 26.18
N GLU B 351 2.87 -23.56 27.00
CA GLU B 351 2.89 -25.01 27.14
C GLU B 351 2.73 -25.68 25.81
N ILE B 352 1.83 -25.16 24.97
CA ILE B 352 1.59 -25.72 23.66
C ILE B 352 2.73 -25.42 22.69
N GLN B 353 3.12 -24.16 22.62
CA GLN B 353 4.16 -23.78 21.68
C GLN B 353 5.55 -24.32 21.97
N TYR B 354 5.92 -24.46 23.25
CA TYR B 354 7.24 -25.01 23.57
C TYR B 354 7.28 -26.55 23.77
N GLY B 355 6.24 -27.25 23.26
CA GLY B 355 6.15 -28.69 23.32
C GLY B 355 5.92 -29.34 24.68
N ILE B 356 5.53 -28.59 25.70
CA ILE B 356 5.31 -29.14 27.04
C ILE B 356 4.08 -30.06 26.97
N ARG B 357 3.13 -29.63 26.15
CA ARG B 357 1.83 -30.28 25.95
C ARG B 357 1.68 -30.62 24.48
N ALA B 358 1.48 -31.90 24.19
CA ALA B 358 1.27 -32.27 22.80
C ALA B 358 -0.02 -31.54 22.32
N HIS B 359 -0.07 -31.09 21.06
CA HIS B 359 -1.23 -30.39 20.51
C HIS B 359 -1.13 -30.36 18.98
N GLU B 360 -2.24 -30.56 18.31
CA GLU B 360 -2.25 -30.53 16.85
C GLU B 360 -1.94 -29.19 16.25
N TRP B 361 -2.07 -28.14 17.06
CA TRP B 361 -1.78 -26.80 16.58
C TRP B 361 -0.30 -26.67 16.15
N MET B 362 0.58 -27.48 16.76
CA MET B 362 2.00 -27.43 16.44
C MET B 362 2.38 -28.27 15.22
N PHE B 363 3.30 -27.72 14.43
CA PHE B 363 3.83 -28.36 13.21
C PHE B 363 5.33 -28.58 13.45
N PRO B 364 5.78 -29.85 13.41
CA PRO B 364 7.18 -30.26 13.64
C PRO B 364 8.32 -29.80 12.72
N VAL B 365 9.36 -29.29 13.37
CA VAL B 365 10.60 -28.81 12.77
C VAL B 365 10.41 -27.82 11.65
P ILP C . -2.73 14.03 -13.11
O1P ILP C . -1.96 13.10 -13.93
O2P ILP C . -1.71 14.78 -12.21
O3P ILP C . -3.56 15.05 -13.75
O4P ILP C . -3.61 13.27 -12.03
C5A ILP C . -4.76 12.55 -12.41
C5 ILP C . -5.00 11.35 -11.55
N1 ILP C . -6.37 10.35 -9.88
C6 ILP C . -6.08 11.41 -10.70
C2 ILP C . -5.66 9.21 -9.85
C2A ILP C . -6.09 8.12 -8.87
C3 ILP C . -4.53 9.10 -10.69
O3 ILP C . -3.83 7.96 -10.66
C4 ILP C . -4.19 10.17 -11.59
C4A ILP C . -2.97 10.05 -12.58
N ILP C . -1.69 10.09 -12.04
CA ILP C . -0.63 9.59 -12.77
CB ILP C . -0.50 8.05 -13.06
CG2 ILP C . -1.08 7.17 -11.97
CG1 ILP C . -1.02 7.68 -14.47
CD1 ILP C . -1.18 6.14 -14.74
C ILP C . 0.24 10.55 -13.59
O ILP C . 0.68 10.11 -14.70
OXT ILP C . 0.47 11.73 -13.16
C ACY D . -5.11 17.46 -0.84
O ACY D . -6.32 17.03 -0.45
OXT ACY D . -3.96 16.93 -0.61
CH3 ACY D . -5.15 18.73 -1.67
C ACY E . 6.73 29.20 -11.68
O ACY E . 7.08 30.04 -12.67
OXT ACY E . 5.53 28.74 -11.38
CH3 ACY E . 7.93 28.77 -10.85
C ACY F . 2.38 26.66 -12.40
O ACY F . 2.63 25.41 -12.75
OXT ACY F . 1.65 27.08 -11.42
CH3 ACY F . 3.09 27.67 -13.32
P ILP G . -1.61 -12.61 13.98
O1P ILP G . -0.14 -12.41 14.18
O2P ILP G . -1.82 -13.46 12.70
O3P ILP G . -2.38 -13.25 15.11
O4P ILP G . -2.37 -11.26 13.58
C5A ILP G . -2.36 -10.12 14.43
C5 ILP G . -2.52 -8.87 13.66
N1 ILP G . -4.02 -7.12 12.97
C6 ILP G . -3.78 -8.29 13.67
C2 ILP G . -3.10 -6.50 12.25
C2A ILP G . -3.42 -5.23 11.49
C3 ILP G . -1.77 -7.03 12.21
O3 ILP G . -0.84 -6.40 11.52
C4 ILP G . -1.41 -8.27 12.91
C4A ILP G . 0.10 -8.93 12.94
N ILP G . 0.93 -8.68 11.83
CA ILP G . 2.28 -8.39 11.99
CB ILP G . 2.89 -7.24 11.20
CG2 ILP G . 2.90 -5.98 12.03
CG1 ILP G . 4.40 -7.52 10.93
CD1 ILP G . 5.33 -6.29 10.90
C ILP G . 3.20 -9.44 12.56
O ILP G . 3.56 -10.37 11.83
OXT ILP G . 3.48 -9.42 13.76
C ACY H . 15.70 -12.06 -8.24
O ACY H . 16.75 -11.72 -7.51
OXT ACY H . 15.60 -13.03 -9.12
CH3 ACY H . 14.49 -11.16 -8.00
C ACY I . -8.40 -25.86 21.37
O ACY I . -7.40 -26.47 22.04
OXT ACY I . -8.95 -24.73 21.65
CH3 ACY I . -8.91 -26.61 20.14
C ACY J . -5.51 -25.15 12.12
O ACY J . -6.76 -25.18 12.56
OXT ACY J . -4.45 -25.00 12.81
CH3 ACY J . -5.38 -25.32 10.61
C1 GOL K . -1.11 11.59 11.43
O1 GOL K . -0.59 12.81 12.03
C2 GOL K . -2.38 11.89 10.58
O2 GOL K . -2.02 12.80 9.52
C3 GOL K . -2.89 10.62 10.01
O3 GOL K . -4.12 10.89 9.21
#